data_4MR8
#
_entry.id   4MR8
#
_cell.length_a   70.980
_cell.length_b   112.750
_cell.length_c   73.450
_cell.angle_alpha   90.000
_cell.angle_beta   97.800
_cell.angle_gamma   90.000
#
_symmetry.space_group_name_H-M   'P 1 21 1'
#
loop_
_entity.id
_entity.type
_entity.pdbx_description
1 polymer 'Gamma-aminobutyric acid type B receptor subunit 1'
2 polymer 'Gamma-aminobutyric acid type B receptor subunit 2'
3 branched beta-D-mannopyranose-(1-3)-beta-D-mannopyranose-(1-4)-2-acetamido-2-deoxy-beta-D-glucopyranose-(1-4)-[alpha-L-fucopyranose-(1-6)]2-acetamido-2-deoxy-beta-D-glucopyranose
4 branched 2-acetamido-2-deoxy-beta-D-glucopyranose-(1-4)-[alpha-L-fucopyranose-(1-6)]2-acetamido-2-deoxy-beta-D-glucopyranose
5 non-polymer 2-acetamido-2-deoxy-beta-D-glucopyranose
6 non-polymer '(S)-(3-aminopropyl)(diethoxymethyl)phosphinic acid'
7 water water
#
loop_
_entity_poly.entity_id
_entity_poly.type
_entity_poly.pdbx_seq_one_letter_code
_entity_poly.pdbx_strand_id
1 'polypeptide(L)'
;SERRAVYIGALFPMSGGWPGGQACQPAVEMALEDVNSRRDILPDYELKLIHHDSKCDPGQATKYLYELLYNDPIKIILMP
GCSSVSTLVAEAARMWNLIVLSYGSSSPALSNRQRFPTFFRTHPSATLHNPTRVKLFEKWGWKKIATIQQTTEVFTSTLD
DLEERVKEAGIEITFRQSFFSDPAVPVKNLKRQDARIIVGLFYETEARKVFCEVYKERLFGKKYVWFLIGWYADNWFKIY
DPSINCTVDEMTEAVEGHITTEIVMLNPANTRSISNMTSQEFVEKLTKRLKRHPEETGGFQEAPLAYDAIWALALALNKT
SGGGGRSGVRLEDFNYNNQTITDQIYRAMNSSSFEGVSGHVVFDASGSRMAWTLIEQLQGGSYKKIGYYDSTKDDLSWSK
TDKWIGGSPPADDYKDDDDK
;
A
2 'polypeptide(L)'
;WARGAPRPPPSSPPLSIMGLMPLTKEVAKGSIGRGVLPAVELAIEQIRNESLLRPYFLDLRLYDTECDNAKGLKAFYDAI
KYGPNHLMVFGGVCPSVTSIIAESLQGWNLVQLSFAATTPVLADKKKYPYFFRTVPSDNAVNPAILKLLKHYQWKRVGTL
TQDVQRFSEVRNDLTGVLYGEDIEISDTESFSNDPCTSVKKLKGNDVRIILGQFDQNMAAKVFCCAYEENMYGSKYQWII
PGWYEPSWWEQVHTEANSSRCLRKNLLAAMEGYIGVDFEPLSSKQIKTISGKTPQQYEREYNNKRSGVGPSKFHGYAYDG
IWVIAKTLQRAMETLHASSRHQRIQDFNYTDHTLGRIILNAMNETNFFGVTGQVVFRNGERMGTIKFTQFQDSREVKVGE
YNAVADTLEIINDTIRFQGSEPPKDDYKDDDDK
;
B
#
loop_
_chem_comp.id
_chem_comp.type
_chem_comp.name
_chem_comp.formula
2BW non-polymer '(S)-(3-aminopropyl)(diethoxymethyl)phosphinic acid' 'C8 H20 N O4 P'
BMA D-saccharide, beta linking beta-D-mannopyranose 'C6 H12 O6'
FUC L-saccharide, alpha linking alpha-L-fucopyranose 'C6 H12 O5'
NAG D-saccharide, beta linking 2-acetamido-2-deoxy-beta-D-glucopyranose 'C8 H15 N O6'
#
# COMPACT_ATOMS: atom_id res chain seq x y z
N SER A 1 7.07 38.39 -32.67
CA SER A 1 7.50 37.39 -31.70
C SER A 1 6.86 36.04 -31.99
N GLU A 2 7.43 34.99 -31.40
CA GLU A 2 6.96 33.63 -31.56
C GLU A 2 6.48 33.05 -30.24
N ARG A 3 5.47 32.19 -30.30
CA ARG A 3 4.95 31.55 -29.09
C ARG A 3 5.87 30.46 -28.61
N ARG A 4 6.13 30.46 -27.30
CA ARG A 4 6.96 29.48 -26.63
C ARG A 4 6.17 28.22 -26.31
N ALA A 5 6.76 27.06 -26.59
CA ALA A 5 6.13 25.78 -26.26
C ALA A 5 6.32 25.48 -24.79
N VAL A 6 5.25 25.08 -24.12
CA VAL A 6 5.23 24.72 -22.71
C VAL A 6 4.65 23.30 -22.64
N TYR A 7 5.31 22.40 -21.90
CA TYR A 7 4.98 20.98 -21.87
C TYR A 7 4.35 20.39 -20.62
N ILE A 8 3.35 19.52 -20.84
CA ILE A 8 2.65 18.72 -19.85
C ILE A 8 3.21 17.29 -20.01
N GLY A 9 3.58 16.67 -18.91
CA GLY A 9 3.98 15.26 -18.88
C GLY A 9 2.80 14.46 -18.36
N ALA A 10 2.08 13.76 -19.25
CA ALA A 10 0.90 13.02 -18.83
C ALA A 10 1.05 11.52 -18.87
N LEU A 11 0.25 10.84 -18.04
CA LEU A 11 0.17 9.39 -17.97
C LEU A 11 -1.30 9.03 -18.15
N PHE A 12 -1.60 8.21 -19.15
CA PHE A 12 -2.97 7.78 -19.46
C PHE A 12 -3.09 6.28 -19.28
N PRO A 13 -3.98 5.80 -18.39
CA PRO A 13 -4.14 4.35 -18.27
C PRO A 13 -5.02 3.80 -19.41
N MET A 14 -4.40 3.21 -20.42
CA MET A 14 -5.12 2.62 -21.57
C MET A 14 -5.67 1.23 -21.23
N SER A 15 -5.16 0.63 -20.16
CA SER A 15 -5.55 -0.67 -19.61
C SER A 15 -5.41 -0.64 -18.07
N GLY A 16 -5.69 -1.76 -17.40
CA GLY A 16 -5.59 -1.89 -15.95
C GLY A 16 -6.93 -1.80 -15.26
N GLY A 17 -6.90 -1.51 -13.95
CA GLY A 17 -8.08 -1.39 -13.10
C GLY A 17 -9.07 -0.34 -13.54
N TRP A 18 -8.56 0.84 -13.95
CA TRP A 18 -9.39 1.92 -14.47
C TRP A 18 -8.78 2.36 -15.80
N PRO A 19 -9.28 1.83 -16.94
CA PRO A 19 -8.69 2.21 -18.24
C PRO A 19 -9.25 3.55 -18.73
N GLY A 20 -9.16 4.57 -17.87
CA GLY A 20 -9.69 5.91 -18.10
C GLY A 20 -9.08 6.71 -19.22
N GLY A 21 -7.82 6.42 -19.55
CA GLY A 21 -7.07 7.09 -20.61
C GLY A 21 -7.65 6.98 -22.00
N GLN A 22 -8.45 5.92 -22.26
CA GLN A 22 -9.09 5.64 -23.55
C GLN A 22 -9.97 6.81 -24.05
N ALA A 23 -10.75 7.42 -23.15
CA ALA A 23 -11.56 8.59 -23.46
C ALA A 23 -10.92 9.89 -22.94
N CYS A 24 -10.07 9.79 -21.91
CA CYS A 24 -9.40 10.96 -21.31
C CYS A 24 -8.29 11.58 -22.16
N GLN A 25 -7.51 10.75 -22.90
CA GLN A 25 -6.48 11.29 -23.80
C GLN A 25 -7.10 12.16 -24.93
N PRO A 26 -8.11 11.70 -25.72
CA PRO A 26 -8.71 12.59 -26.75
C PRO A 26 -9.34 13.85 -26.15
N ALA A 27 -9.96 13.73 -24.94
CA ALA A 27 -10.56 14.86 -24.21
C ALA A 27 -9.49 15.93 -23.88
N VAL A 28 -8.27 15.47 -23.53
CA VAL A 28 -7.11 16.31 -23.24
C VAL A 28 -6.64 16.98 -24.56
N GLU A 29 -6.57 16.18 -25.66
CA GLU A 29 -6.18 16.63 -27.01
C GLU A 29 -7.13 17.71 -27.53
N MET A 30 -8.45 17.54 -27.32
CA MET A 30 -9.49 18.49 -27.70
C MET A 30 -9.31 19.78 -26.90
N ALA A 31 -9.14 19.66 -25.56
CA ALA A 31 -8.95 20.80 -24.64
C ALA A 31 -7.72 21.65 -24.95
N LEU A 32 -6.63 21.01 -25.38
CA LEU A 32 -5.41 21.70 -25.77
C LEU A 32 -5.62 22.49 -27.06
N GLU A 33 -6.31 21.90 -28.06
CA GLU A 33 -6.67 22.55 -29.33
C GLU A 33 -7.51 23.79 -29.03
N ASP A 34 -8.51 23.65 -28.11
CA ASP A 34 -9.41 24.73 -27.69
C ASP A 34 -8.71 25.86 -26.98
N VAL A 35 -7.76 25.56 -26.08
CA VAL A 35 -6.98 26.56 -25.33
C VAL A 35 -5.98 27.27 -26.26
N ASN A 36 -5.27 26.50 -27.12
CA ASN A 36 -4.30 27.04 -28.07
C ASN A 36 -4.94 27.90 -29.18
N SER A 37 -6.19 27.60 -29.60
CA SER A 37 -6.88 28.39 -30.63
C SER A 37 -7.43 29.72 -30.09
N ARG A 38 -7.58 29.83 -28.76
CA ARG A 38 -8.02 31.03 -28.07
C ARG A 38 -6.83 31.94 -27.86
N ARG A 39 -6.87 33.16 -28.41
CA ARG A 39 -5.75 34.10 -28.25
C ARG A 39 -5.83 34.91 -26.95
N ASP A 40 -6.92 34.76 -26.18
CA ASP A 40 -7.11 35.46 -24.91
C ASP A 40 -6.60 34.68 -23.67
N ILE A 41 -6.22 33.40 -23.83
CA ILE A 41 -5.71 32.60 -22.71
C ILE A 41 -4.20 32.68 -22.64
N LEU A 42 -3.47 31.90 -23.44
CA LEU A 42 -2.01 31.96 -23.43
C LEU A 42 -1.53 32.43 -24.82
N PRO A 43 -1.65 33.74 -25.17
CA PRO A 43 -1.24 34.18 -26.52
C PRO A 43 0.26 34.06 -26.77
N ASP A 44 1.08 34.19 -25.72
CA ASP A 44 2.53 34.11 -25.74
C ASP A 44 3.03 32.65 -25.70
N TYR A 45 2.15 31.70 -25.29
CA TYR A 45 2.53 30.30 -25.13
C TYR A 45 1.67 29.30 -25.87
N GLU A 46 2.30 28.16 -26.24
CA GLU A 46 1.62 27.04 -26.87
C GLU A 46 1.73 25.82 -25.93
N LEU A 47 0.59 25.31 -25.46
CA LEU A 47 0.54 24.17 -24.57
C LEU A 47 0.65 22.88 -25.37
N LYS A 48 1.72 22.09 -25.09
CA LYS A 48 1.99 20.83 -25.80
C LYS A 48 1.95 19.63 -24.83
N LEU A 49 1.58 18.45 -25.35
CA LEU A 49 1.45 17.23 -24.57
C LEU A 49 2.46 16.15 -24.94
N ILE A 50 3.13 15.60 -23.93
CA ILE A 50 4.04 14.46 -24.03
C ILE A 50 3.45 13.44 -23.06
N HIS A 51 3.05 12.27 -23.60
CA HIS A 51 2.35 11.26 -22.83
C HIS A 51 2.87 9.84 -22.99
N HIS A 52 2.45 8.97 -22.04
CA HIS A 52 2.77 7.54 -21.99
C HIS A 52 1.59 6.76 -21.39
N ASP A 53 1.47 5.47 -21.73
CA ASP A 53 0.44 4.58 -21.22
C ASP A 53 0.96 3.96 -19.92
N SER A 54 0.37 4.34 -18.77
CA SER A 54 0.75 3.86 -17.44
C SER A 54 0.24 2.45 -17.14
N LYS A 55 -0.81 2.01 -17.86
CA LYS A 55 -1.47 0.69 -17.70
C LYS A 55 -2.09 0.56 -16.28
N CYS A 56 -2.39 1.72 -15.63
CA CYS A 56 -2.96 1.86 -14.28
C CYS A 56 -2.12 1.05 -13.25
N ASP A 57 -0.79 1.02 -13.46
CA ASP A 57 0.16 0.25 -12.66
C ASP A 57 1.30 1.17 -12.18
N PRO A 58 1.51 1.29 -10.83
CA PRO A 58 2.60 2.16 -10.32
C PRO A 58 4.01 1.76 -10.81
N GLY A 59 4.29 0.46 -10.89
CA GLY A 59 5.58 -0.07 -11.32
C GLY A 59 5.88 0.34 -12.76
N GLN A 60 4.86 0.19 -13.62
CA GLN A 60 4.88 0.57 -15.04
C GLN A 60 5.04 2.08 -15.18
N ALA A 61 4.33 2.85 -14.34
CA ALA A 61 4.35 4.31 -14.32
C ALA A 61 5.71 4.88 -13.87
N THR A 62 6.44 4.13 -13.00
CA THR A 62 7.76 4.52 -12.49
C THR A 62 8.77 4.62 -13.66
N LYS A 63 8.64 3.72 -14.65
CA LYS A 63 9.44 3.71 -15.86
C LYS A 63 9.18 4.98 -16.71
N TYR A 64 7.89 5.34 -16.86
CA TYR A 64 7.51 6.50 -17.66
C TYR A 64 7.71 7.83 -16.98
N LEU A 65 7.62 7.86 -15.62
CA LEU A 65 7.89 9.07 -14.85
C LEU A 65 9.36 9.44 -15.07
N TYR A 66 10.26 8.43 -15.09
CA TYR A 66 11.68 8.62 -15.38
C TYR A 66 11.82 9.24 -16.77
N GLU A 67 11.16 8.62 -17.77
CA GLU A 67 11.16 9.04 -19.18
C GLU A 67 10.70 10.49 -19.35
N LEU A 68 9.71 10.91 -18.56
CA LEU A 68 9.20 12.30 -18.62
C LEU A 68 10.18 13.30 -18.00
N LEU A 69 10.78 12.94 -16.86
CA LEU A 69 11.69 13.81 -16.11
C LEU A 69 13.12 13.88 -16.62
N TYR A 70 13.65 12.77 -17.13
CA TYR A 70 15.05 12.68 -17.54
C TYR A 70 15.33 12.86 -19.04
N ASN A 71 14.30 13.25 -19.81
CA ASN A 71 14.39 13.52 -21.23
C ASN A 71 13.87 14.91 -21.52
N ASP A 72 14.57 15.61 -22.42
CA ASP A 72 14.17 16.93 -22.91
C ASP A 72 12.94 16.74 -23.80
N PRO A 73 11.98 17.69 -23.81
CA PRO A 73 11.97 18.99 -23.11
C PRO A 73 11.51 18.93 -21.66
N ILE A 74 11.85 19.98 -20.88
CA ILE A 74 11.45 20.15 -19.49
C ILE A 74 9.90 20.25 -19.43
N LYS A 75 9.29 19.50 -18.52
CA LYS A 75 7.83 19.52 -18.34
C LYS A 75 7.53 20.48 -17.19
N ILE A 76 6.44 21.25 -17.31
CA ILE A 76 6.06 22.22 -16.28
C ILE A 76 5.02 21.66 -15.29
N ILE A 77 4.32 20.60 -15.69
CA ILE A 77 3.29 19.93 -14.90
C ILE A 77 3.25 18.44 -15.22
N LEU A 78 2.81 17.62 -14.25
CA LEU A 78 2.62 16.19 -14.42
C LEU A 78 1.13 15.88 -14.31
N MET A 79 0.60 15.07 -15.24
CA MET A 79 -0.82 14.74 -15.29
C MET A 79 -1.15 13.23 -15.24
N PRO A 80 -1.20 12.62 -14.04
CA PRO A 80 -1.56 11.17 -13.97
C PRO A 80 -3.06 10.95 -13.84
N GLY A 81 -3.49 9.70 -14.11
CA GLY A 81 -4.90 9.32 -14.07
C GLY A 81 -5.34 8.59 -12.82
N CYS A 82 -4.98 7.29 -12.72
CA CYS A 82 -5.29 6.36 -11.61
C CYS A 82 -4.78 6.88 -10.28
N SER A 83 -5.47 6.51 -9.18
CA SER A 83 -5.12 6.87 -7.81
C SER A 83 -3.75 6.29 -7.44
N SER A 84 -3.49 5.02 -7.80
CA SER A 84 -2.23 4.33 -7.50
C SER A 84 -1.06 5.01 -8.22
N VAL A 85 -1.28 5.44 -9.46
CA VAL A 85 -0.26 6.15 -10.24
C VAL A 85 -0.07 7.58 -9.65
N SER A 86 -1.17 8.29 -9.33
CA SER A 86 -1.11 9.64 -8.73
C SER A 86 -0.40 9.62 -7.37
N THR A 87 -0.62 8.57 -6.54
CA THR A 87 0.06 8.47 -5.23
C THR A 87 1.58 8.42 -5.39
N LEU A 88 2.05 7.66 -6.39
CA LEU A 88 3.47 7.56 -6.74
C LEU A 88 4.04 8.88 -7.27
N VAL A 89 3.41 9.47 -8.33
CA VAL A 89 3.93 10.70 -8.94
C VAL A 89 3.80 11.94 -8.04
N ALA A 90 2.67 12.10 -7.30
CA ALA A 90 2.46 13.25 -6.42
C ALA A 90 3.40 13.26 -5.22
N GLU A 91 3.85 12.08 -4.75
CA GLU A 91 4.80 12.01 -3.64
C GLU A 91 6.22 12.32 -4.12
N ALA A 92 6.60 11.75 -5.29
CA ALA A 92 7.90 11.93 -5.91
C ALA A 92 8.16 13.37 -6.39
N ALA A 93 7.11 14.04 -6.93
CA ALA A 93 7.10 15.39 -7.53
C ALA A 93 7.88 16.50 -6.85
N ARG A 94 7.90 16.56 -5.50
CA ARG A 94 8.60 17.63 -4.76
C ARG A 94 10.10 17.70 -5.08
N MET A 95 10.70 16.56 -5.46
CA MET A 95 12.11 16.46 -5.83
C MET A 95 12.47 17.14 -7.16
N TRP A 96 11.45 17.45 -7.98
CA TRP A 96 11.61 18.13 -9.27
C TRP A 96 10.76 19.42 -9.30
N ASN A 97 10.29 19.87 -8.11
CA ASN A 97 9.45 21.08 -7.94
C ASN A 97 8.31 21.14 -8.98
N LEU A 98 7.54 20.05 -9.07
CA LEU A 98 6.47 19.92 -10.04
C LEU A 98 5.09 19.86 -9.47
N ILE A 99 4.16 20.59 -10.10
CA ILE A 99 2.74 20.57 -9.79
C ILE A 99 2.23 19.26 -10.39
N VAL A 100 1.33 18.59 -9.67
CA VAL A 100 0.73 17.35 -10.14
C VAL A 100 -0.77 17.60 -10.23
N LEU A 101 -1.36 17.33 -11.39
CA LEU A 101 -2.79 17.53 -11.61
C LEU A 101 -3.43 16.26 -12.16
N SER A 102 -4.23 15.59 -11.32
CA SER A 102 -4.89 14.37 -11.73
C SER A 102 -6.29 14.63 -12.26
N TYR A 103 -6.66 13.90 -13.32
CA TYR A 103 -7.99 13.99 -13.92
C TYR A 103 -8.91 12.80 -13.50
N GLY A 104 -8.35 11.77 -12.88
CA GLY A 104 -9.14 10.58 -12.52
C GLY A 104 -9.00 9.99 -11.13
N SER A 105 -8.25 10.62 -10.21
CA SER A 105 -8.03 10.05 -8.87
C SER A 105 -9.11 10.36 -7.85
N SER A 106 -9.71 9.31 -7.26
CA SER A 106 -10.77 9.44 -6.26
C SER A 106 -10.35 9.10 -4.82
N SER A 107 -9.19 8.46 -4.65
CA SER A 107 -8.72 8.00 -3.33
C SER A 107 -8.65 9.12 -2.27
N PRO A 108 -9.35 8.95 -1.11
CA PRO A 108 -9.32 10.01 -0.07
C PRO A 108 -7.93 10.36 0.46
N ALA A 109 -7.00 9.39 0.43
CA ALA A 109 -5.62 9.53 0.90
C ALA A 109 -4.85 10.60 0.12
N LEU A 110 -5.22 10.83 -1.16
CA LEU A 110 -4.57 11.83 -2.00
C LEU A 110 -4.85 13.30 -1.59
N SER A 111 -5.74 13.51 -0.59
CA SER A 111 -6.04 14.86 -0.09
C SER A 111 -5.25 15.15 1.21
N ASN A 112 -3.96 14.77 1.21
CA ASN A 112 -2.96 14.92 2.29
C ASN A 112 -1.82 15.82 1.78
N ARG A 113 -1.79 17.07 2.25
CA ARG A 113 -0.80 18.08 1.85
C ARG A 113 0.63 17.82 2.32
N GLN A 114 0.82 16.99 3.36
CA GLN A 114 2.15 16.65 3.88
C GLN A 114 2.85 15.69 2.92
N ARG A 115 2.14 14.62 2.47
CA ARG A 115 2.64 13.62 1.50
C ARG A 115 2.64 14.18 0.07
N PHE A 116 1.60 14.95 -0.28
CA PHE A 116 1.39 15.47 -1.64
C PHE A 116 1.29 17.00 -1.63
N PRO A 117 2.43 17.72 -1.45
CA PRO A 117 2.37 19.20 -1.33
C PRO A 117 2.00 20.02 -2.57
N THR A 118 2.18 19.48 -3.80
CA THR A 118 1.87 20.21 -5.04
C THR A 118 0.73 19.58 -5.87
N PHE A 119 -0.09 18.73 -5.23
CA PHE A 119 -1.17 17.97 -5.86
C PHE A 119 -2.52 18.64 -5.97
N PHE A 120 -3.14 18.52 -7.15
CA PHE A 120 -4.48 19.00 -7.49
C PHE A 120 -5.18 17.91 -8.29
N ARG A 121 -6.51 17.87 -8.22
CA ARG A 121 -7.31 16.91 -8.97
C ARG A 121 -8.69 17.47 -9.33
N THR A 122 -9.08 17.35 -10.62
CA THR A 122 -10.41 17.78 -11.09
C THR A 122 -11.43 16.71 -10.77
N HIS A 123 -10.96 15.49 -10.41
CA HIS A 123 -11.80 14.38 -9.99
C HIS A 123 -11.96 14.55 -8.48
N PRO A 124 -13.18 14.63 -7.93
CA PRO A 124 -13.31 14.79 -6.48
C PRO A 124 -12.86 13.57 -5.69
N SER A 125 -12.58 13.76 -4.39
CA SER A 125 -12.26 12.65 -3.48
C SER A 125 -13.57 11.84 -3.25
N ALA A 126 -13.44 10.53 -2.95
CA ALA A 126 -14.57 9.66 -2.62
C ALA A 126 -15.32 10.16 -1.37
N THR A 127 -14.66 11.04 -0.55
CA THR A 127 -15.25 11.68 0.64
C THR A 127 -16.35 12.68 0.28
N LEU A 128 -16.49 13.08 -1.01
CA LEU A 128 -17.55 14.01 -1.47
C LEU A 128 -18.98 13.45 -1.25
N HIS A 129 -19.12 12.13 -1.11
CA HIS A 129 -20.40 11.47 -0.82
C HIS A 129 -20.87 11.76 0.61
N ASN A 130 -19.90 11.93 1.56
CA ASN A 130 -20.13 12.18 2.99
C ASN A 130 -20.96 13.44 3.34
N PRO A 131 -20.68 14.68 2.83
CA PRO A 131 -21.57 15.83 3.15
C PRO A 131 -23.00 15.64 2.64
N THR A 132 -23.18 14.92 1.51
CA THR A 132 -24.51 14.63 0.96
C THR A 132 -25.25 13.66 1.88
N ARG A 133 -24.51 12.65 2.39
CA ARG A 133 -25.02 11.66 3.34
C ARG A 133 -25.47 12.35 4.63
N VAL A 134 -24.60 13.18 5.25
CA VAL A 134 -24.94 13.92 6.48
C VAL A 134 -26.16 14.83 6.30
N LYS A 135 -26.28 15.48 5.11
CA LYS A 135 -27.41 16.34 4.75
C LYS A 135 -28.72 15.55 4.60
N LEU A 136 -28.66 14.32 4.01
CA LEU A 136 -29.85 13.47 3.83
C LEU A 136 -30.31 12.93 5.17
N PHE A 137 -29.35 12.66 6.07
CA PHE A 137 -29.61 12.16 7.43
C PHE A 137 -30.33 13.26 8.23
N GLU A 138 -29.81 14.50 8.16
CA GLU A 138 -30.35 15.68 8.84
C GLU A 138 -31.75 16.00 8.36
N LYS A 139 -31.97 15.96 7.03
CA LYS A 139 -33.27 16.22 6.44
C LYS A 139 -34.29 15.21 6.94
N TRP A 140 -33.88 13.93 7.00
CA TRP A 140 -34.75 12.85 7.44
C TRP A 140 -34.79 12.57 8.96
N GLY A 141 -34.01 13.36 9.71
CA GLY A 141 -33.97 13.31 11.17
C GLY A 141 -33.19 12.19 11.83
N TRP A 142 -32.39 11.44 11.09
CA TRP A 142 -31.62 10.33 11.67
C TRP A 142 -30.35 10.78 12.36
N LYS A 143 -30.11 10.22 13.55
CA LYS A 143 -28.93 10.49 14.37
C LYS A 143 -28.19 9.19 14.69
N LYS A 144 -28.75 8.05 14.24
CA LYS A 144 -28.19 6.72 14.47
C LYS A 144 -27.99 6.01 13.13
N ILE A 145 -26.72 5.85 12.71
CA ILE A 145 -26.36 5.24 11.42
C ILE A 145 -25.41 4.05 11.58
N ALA A 146 -25.72 2.95 10.88
CA ALA A 146 -24.88 1.76 10.84
C ALA A 146 -24.09 1.80 9.53
N THR A 147 -22.85 1.31 9.55
CA THR A 147 -22.00 1.32 8.36
C THR A 147 -21.46 -0.08 8.05
N ILE A 148 -21.49 -0.48 6.78
CA ILE A 148 -20.97 -1.76 6.32
C ILE A 148 -20.05 -1.54 5.11
N GLN A 149 -18.83 -2.06 5.21
CA GLN A 149 -17.87 -1.86 4.14
C GLN A 149 -17.17 -3.13 3.72
N GLN A 150 -16.76 -3.15 2.46
CA GLN A 150 -15.89 -4.19 1.94
C GLN A 150 -14.50 -3.68 2.35
N THR A 151 -13.54 -4.58 2.60
CA THR A 151 -12.20 -4.15 3.00
C THR A 151 -11.35 -3.77 1.80
N THR A 152 -11.27 -2.47 1.55
CA THR A 152 -10.45 -1.85 0.51
C THR A 152 -10.07 -0.55 1.15
N GLU A 153 -8.84 -0.08 0.88
CA GLU A 153 -8.31 1.16 1.44
C GLU A 153 -9.27 2.34 1.21
N VAL A 154 -9.82 2.47 -0.02
CA VAL A 154 -10.76 3.53 -0.40
C VAL A 154 -12.00 3.59 0.51
N PHE A 155 -12.61 2.44 0.81
CA PHE A 155 -13.80 2.37 1.66
C PHE A 155 -13.50 2.67 3.13
N THR A 156 -12.34 2.22 3.62
CA THR A 156 -11.89 2.45 5.00
C THR A 156 -11.73 3.95 5.25
N SER A 157 -11.07 4.66 4.31
CA SER A 157 -10.80 6.09 4.34
C SER A 157 -12.09 6.90 4.23
N THR A 158 -13.05 6.45 3.38
CA THR A 158 -14.33 7.13 3.19
C THR A 158 -15.14 7.10 4.50
N LEU A 159 -15.17 5.93 5.17
CA LEU A 159 -15.87 5.77 6.44
C LEU A 159 -15.20 6.53 7.57
N ASP A 160 -13.85 6.64 7.54
CA ASP A 160 -13.06 7.42 8.52
C ASP A 160 -13.45 8.89 8.47
N ASP A 161 -13.65 9.41 7.24
CA ASP A 161 -14.07 10.78 7.00
C ASP A 161 -15.51 10.99 7.47
N LEU A 162 -16.41 10.01 7.18
CA LEU A 162 -17.83 10.05 7.57
C LEU A 162 -18.00 10.21 9.09
N GLU A 163 -17.10 9.59 9.88
CA GLU A 163 -17.06 9.65 11.35
C GLU A 163 -16.92 11.08 11.86
N GLU A 164 -15.88 11.81 11.40
CA GLU A 164 -15.66 13.20 11.80
C GLU A 164 -16.75 14.15 11.30
N ARG A 165 -17.42 13.79 10.20
CA ARG A 165 -18.51 14.56 9.59
C ARG A 165 -19.80 14.40 10.37
N VAL A 166 -20.12 13.16 10.81
CA VAL A 166 -21.32 12.87 11.58
C VAL A 166 -21.27 13.55 12.95
N LYS A 167 -20.07 13.53 13.59
CA LYS A 167 -19.78 14.12 14.90
C LYS A 167 -20.12 15.60 14.94
N GLU A 168 -19.73 16.36 13.89
CA GLU A 168 -19.99 17.80 13.76
C GLU A 168 -21.48 18.07 13.64
N ALA A 169 -22.20 17.20 12.92
CA ALA A 169 -23.62 17.31 12.65
C ALA A 169 -24.51 16.77 13.79
N GLY A 170 -23.88 16.27 14.84
CA GLY A 170 -24.58 15.71 16.01
C GLY A 170 -25.25 14.37 15.71
N ILE A 171 -24.61 13.55 14.86
CA ILE A 171 -25.05 12.21 14.47
C ILE A 171 -23.96 11.23 14.91
N GLU A 172 -24.34 10.00 15.26
CA GLU A 172 -23.36 9.01 15.67
C GLU A 172 -23.47 7.71 14.87
N ILE A 173 -22.33 7.03 14.72
CA ILE A 173 -22.27 5.73 14.03
C ILE A 173 -22.46 4.67 15.09
N THR A 174 -23.61 3.97 15.03
CA THR A 174 -24.01 2.93 15.98
C THR A 174 -23.09 1.72 15.88
N PHE A 175 -22.98 1.13 14.68
CA PHE A 175 -22.20 -0.07 14.42
C PHE A 175 -21.45 -0.01 13.10
N ARG A 176 -20.23 -0.56 13.10
CA ARG A 176 -19.37 -0.62 11.93
C ARG A 176 -18.90 -2.06 11.73
N GLN A 177 -19.24 -2.62 10.56
CA GLN A 177 -18.88 -3.99 10.20
C GLN A 177 -18.13 -4.00 8.88
N SER A 178 -17.24 -4.99 8.72
CA SER A 178 -16.41 -5.11 7.52
C SER A 178 -16.29 -6.56 7.06
N PHE A 179 -16.02 -6.74 5.76
CA PHE A 179 -15.84 -8.06 5.14
C PHE A 179 -14.86 -7.98 3.99
N PHE A 180 -14.04 -9.01 3.81
CA PHE A 180 -13.10 -9.03 2.69
C PHE A 180 -13.81 -9.45 1.41
N SER A 181 -14.44 -10.63 1.43
CA SER A 181 -15.13 -11.21 0.28
C SER A 181 -16.56 -11.68 0.58
N ASP A 182 -16.78 -12.29 1.76
CA ASP A 182 -18.09 -12.82 2.16
C ASP A 182 -18.82 -11.91 3.16
N PRO A 183 -20.00 -11.36 2.80
CA PRO A 183 -20.70 -10.46 3.73
C PRO A 183 -21.80 -11.10 4.61
N ALA A 184 -21.81 -12.45 4.75
CA ALA A 184 -22.82 -13.18 5.54
C ALA A 184 -22.86 -12.79 7.02
N VAL A 185 -21.69 -12.81 7.71
CA VAL A 185 -21.59 -12.44 9.13
C VAL A 185 -21.86 -10.94 9.40
N PRO A 186 -21.29 -9.95 8.64
CA PRO A 186 -21.61 -8.55 8.91
C PRO A 186 -23.09 -8.17 8.74
N VAL A 187 -23.80 -8.76 7.75
CA VAL A 187 -25.23 -8.47 7.54
C VAL A 187 -26.11 -9.10 8.63
N LYS A 188 -25.74 -10.33 9.11
CA LYS A 188 -26.45 -11.04 10.17
C LYS A 188 -26.40 -10.19 11.45
N ASN A 189 -25.23 -9.54 11.70
CA ASN A 189 -25.01 -8.65 12.84
C ASN A 189 -25.85 -7.38 12.74
N LEU A 190 -26.09 -6.87 11.50
CA LEU A 190 -26.92 -5.67 11.28
C LEU A 190 -28.38 -5.93 11.69
N LYS A 191 -28.88 -7.15 11.44
CA LYS A 191 -30.22 -7.57 11.83
C LYS A 191 -30.29 -7.75 13.36
N ARG A 192 -29.27 -8.43 13.93
CA ARG A 192 -29.11 -8.72 15.36
C ARG A 192 -29.09 -7.45 16.20
N GLN A 193 -28.34 -6.42 15.73
CA GLN A 193 -28.22 -5.13 16.41
C GLN A 193 -29.36 -4.16 16.11
N ASP A 194 -30.34 -4.61 15.28
CA ASP A 194 -31.53 -3.88 14.85
C ASP A 194 -31.22 -2.53 14.17
N ALA A 195 -30.27 -2.57 13.21
CA ALA A 195 -29.83 -1.40 12.43
C ALA A 195 -30.92 -1.04 11.41
N ARG A 196 -31.21 0.26 11.28
CA ARG A 196 -32.25 0.73 10.35
C ARG A 196 -31.69 1.55 9.18
N ILE A 197 -30.83 2.54 9.49
CA ILE A 197 -30.20 3.41 8.49
C ILE A 197 -28.78 2.89 8.27
N ILE A 198 -28.55 2.25 7.11
CA ILE A 198 -27.27 1.61 6.78
C ILE A 198 -26.55 2.18 5.54
N VAL A 199 -25.26 2.51 5.71
CA VAL A 199 -24.37 2.98 4.65
C VAL A 199 -23.52 1.78 4.26
N GLY A 200 -23.65 1.34 3.01
CA GLY A 200 -22.89 0.21 2.47
C GLY A 200 -21.95 0.61 1.36
N LEU A 201 -20.63 0.38 1.56
CA LEU A 201 -19.60 0.73 0.56
C LEU A 201 -18.86 -0.51 0.07
N PHE A 202 -19.11 -0.90 -1.19
CA PHE A 202 -18.50 -2.07 -1.83
C PHE A 202 -18.65 -1.98 -3.34
N TYR A 203 -17.87 -2.80 -4.04
CA TYR A 203 -17.92 -2.89 -5.49
C TYR A 203 -19.13 -3.74 -5.91
N GLU A 204 -19.41 -3.79 -7.21
CA GLU A 204 -20.54 -4.47 -7.81
C GLU A 204 -20.70 -5.96 -7.47
N THR A 205 -19.61 -6.75 -7.60
CA THR A 205 -19.60 -8.18 -7.29
C THR A 205 -20.04 -8.39 -5.82
N GLU A 206 -19.46 -7.60 -4.89
CA GLU A 206 -19.76 -7.67 -3.46
C GLU A 206 -21.15 -7.13 -3.12
N ALA A 207 -21.66 -6.15 -3.92
CA ALA A 207 -22.98 -5.56 -3.74
C ALA A 207 -24.07 -6.63 -3.92
N ARG A 208 -23.92 -7.49 -4.95
CA ARG A 208 -24.83 -8.59 -5.26
C ARG A 208 -24.88 -9.59 -4.11
N LYS A 209 -23.71 -9.86 -3.49
CA LYS A 209 -23.57 -10.77 -2.36
C LYS A 209 -24.20 -10.16 -1.12
N VAL A 210 -23.98 -8.85 -0.88
CA VAL A 210 -24.57 -8.12 0.25
C VAL A 210 -26.10 -8.19 0.14
N PHE A 211 -26.65 -7.84 -1.04
CA PHE A 211 -28.09 -7.83 -1.26
C PHE A 211 -28.78 -9.19 -1.31
N CYS A 212 -28.03 -10.29 -1.54
CA CYS A 212 -28.59 -11.64 -1.48
C CYS A 212 -28.77 -11.98 -0.03
N GLU A 213 -27.74 -11.69 0.77
CA GLU A 213 -27.73 -11.88 2.20
C GLU A 213 -28.78 -10.97 2.85
N VAL A 214 -29.01 -9.77 2.27
CA VAL A 214 -30.01 -8.79 2.73
C VAL A 214 -31.44 -9.34 2.51
N TYR A 215 -31.67 -10.12 1.43
CA TYR A 215 -32.98 -10.73 1.17
C TYR A 215 -33.27 -11.84 2.17
N LYS A 216 -32.32 -12.78 2.32
CA LYS A 216 -32.39 -13.95 3.21
C LYS A 216 -32.66 -13.57 4.65
N GLU A 217 -32.21 -12.38 5.07
CA GLU A 217 -32.34 -11.88 6.43
C GLU A 217 -33.46 -10.86 6.63
N ARG A 218 -34.27 -10.60 5.58
CA ARG A 218 -35.40 -9.65 5.65
C ARG A 218 -34.93 -8.26 6.14
N LEU A 219 -33.73 -7.84 5.69
CA LEU A 219 -33.11 -6.58 6.07
C LEU A 219 -33.52 -5.42 5.15
N PHE A 220 -34.58 -5.64 4.39
CA PHE A 220 -35.15 -4.68 3.48
C PHE A 220 -36.62 -4.50 3.89
N GLY A 221 -37.19 -3.39 3.47
CA GLY A 221 -38.58 -3.06 3.77
C GLY A 221 -38.72 -1.68 4.37
N LYS A 222 -39.90 -1.41 4.93
CA LYS A 222 -40.26 -0.13 5.56
C LYS A 222 -39.32 0.31 6.64
N LYS A 223 -38.82 -0.64 7.44
CA LYS A 223 -37.92 -0.33 8.56
C LYS A 223 -36.55 0.17 8.08
N TYR A 224 -36.09 -0.30 6.91
CA TYR A 224 -34.74 -0.04 6.42
C TYR A 224 -34.51 0.83 5.21
N VAL A 225 -33.44 1.64 5.29
CA VAL A 225 -32.95 2.52 4.23
C VAL A 225 -31.47 2.22 4.03
N TRP A 226 -31.10 1.84 2.81
CA TRP A 226 -29.73 1.57 2.43
C TRP A 226 -29.16 2.73 1.63
N PHE A 227 -27.93 3.12 1.96
CA PHE A 227 -27.20 4.19 1.26
C PHE A 227 -26.01 3.55 0.56
N LEU A 228 -26.00 3.63 -0.77
CA LEU A 228 -24.93 3.04 -1.58
C LEU A 228 -24.32 4.06 -2.53
N ILE A 229 -23.20 3.70 -3.17
CA ILE A 229 -22.57 4.56 -4.17
C ILE A 229 -23.28 4.24 -5.49
N GLY A 230 -23.76 5.28 -6.16
CA GLY A 230 -24.47 5.15 -7.43
C GLY A 230 -23.55 4.97 -8.62
N TRP A 231 -22.62 4.00 -8.52
CA TRP A 231 -21.62 3.73 -9.57
C TRP A 231 -21.81 2.34 -10.21
N TYR A 232 -22.89 1.64 -9.88
CA TYR A 232 -23.14 0.32 -10.43
C TYR A 232 -23.69 0.33 -11.84
N ALA A 233 -23.55 -0.81 -12.54
CA ALA A 233 -24.08 -1.05 -13.89
C ALA A 233 -25.59 -0.98 -13.82
N ASP A 234 -26.23 -0.67 -14.97
CA ASP A 234 -27.68 -0.46 -15.12
C ASP A 234 -28.65 -1.35 -14.35
N ASN A 235 -28.54 -2.67 -14.47
CA ASN A 235 -29.46 -3.53 -13.69
C ASN A 235 -28.63 -4.56 -12.92
N TRP A 236 -27.68 -4.03 -12.12
CA TRP A 236 -26.71 -4.78 -11.33
C TRP A 236 -27.26 -5.91 -10.48
N PHE A 237 -28.38 -5.68 -9.79
CA PHE A 237 -29.05 -6.67 -8.92
C PHE A 237 -29.65 -7.82 -9.74
N LYS A 238 -29.92 -7.56 -11.03
CA LYS A 238 -30.45 -8.56 -11.97
C LYS A 238 -29.35 -9.36 -12.65
N ILE A 239 -28.11 -8.82 -12.71
CA ILE A 239 -26.96 -9.48 -13.33
C ILE A 239 -26.74 -10.87 -12.73
N TYR A 240 -26.58 -11.87 -13.60
CA TYR A 240 -26.34 -13.24 -13.22
C TYR A 240 -24.95 -13.42 -12.64
N ASP A 241 -24.92 -14.07 -11.48
CA ASP A 241 -23.71 -14.38 -10.73
C ASP A 241 -23.94 -15.78 -10.14
N PRO A 242 -23.18 -16.81 -10.57
CA PRO A 242 -23.41 -18.16 -10.01
C PRO A 242 -23.05 -18.34 -8.51
N SER A 243 -22.29 -17.38 -7.93
CA SER A 243 -21.86 -17.39 -6.53
C SER A 243 -23.00 -17.01 -5.56
N ILE A 244 -24.12 -16.48 -6.08
CA ILE A 244 -25.26 -16.06 -5.26
C ILE A 244 -26.48 -16.96 -5.41
N ASN A 245 -27.15 -17.27 -4.28
CA ASN A 245 -28.32 -18.15 -4.21
C ASN A 245 -29.63 -17.52 -4.67
N CYS A 246 -29.85 -16.24 -4.33
CA CYS A 246 -31.09 -15.49 -4.60
C CYS A 246 -31.45 -15.32 -6.07
N THR A 247 -32.77 -15.25 -6.36
CA THR A 247 -33.31 -15.06 -7.70
C THR A 247 -33.41 -13.56 -8.01
N VAL A 248 -33.63 -13.21 -9.30
CA VAL A 248 -33.77 -11.84 -9.80
C VAL A 248 -34.90 -11.10 -9.08
N ASP A 249 -36.09 -11.76 -8.97
CA ASP A 249 -37.29 -11.23 -8.32
C ASP A 249 -37.10 -10.95 -6.85
N GLU A 250 -36.46 -11.90 -6.12
CA GLU A 250 -36.17 -11.80 -4.70
C GLU A 250 -35.22 -10.62 -4.48
N MET A 251 -34.31 -10.43 -5.42
CA MET A 251 -33.29 -9.40 -5.34
C MET A 251 -33.73 -8.02 -5.78
N THR A 252 -34.68 -7.92 -6.73
CA THR A 252 -35.27 -6.65 -7.16
C THR A 252 -36.04 -6.12 -5.92
N GLU A 253 -36.51 -7.07 -5.09
CA GLU A 253 -37.23 -6.89 -3.84
C GLU A 253 -36.31 -6.33 -2.73
N ALA A 254 -35.10 -6.91 -2.55
CA ALA A 254 -34.13 -6.48 -1.52
C ALA A 254 -33.55 -5.07 -1.75
N VAL A 255 -33.38 -4.67 -3.02
CA VAL A 255 -32.81 -3.37 -3.40
C VAL A 255 -33.84 -2.22 -3.41
N GLU A 256 -35.13 -2.55 -3.50
CA GLU A 256 -36.25 -1.58 -3.53
C GLU A 256 -36.17 -0.46 -2.47
N GLY A 257 -36.22 0.79 -2.94
CA GLY A 257 -36.19 1.98 -2.10
C GLY A 257 -34.85 2.54 -1.67
N HIS A 258 -33.73 1.83 -1.91
CA HIS A 258 -32.39 2.28 -1.49
C HIS A 258 -31.96 3.60 -2.13
N ILE A 259 -31.19 4.40 -1.39
CA ILE A 259 -30.66 5.69 -1.84
C ILE A 259 -29.20 5.54 -2.34
N THR A 260 -28.86 6.29 -3.40
CA THR A 260 -27.49 6.34 -3.95
C THR A 260 -27.02 7.77 -4.09
N THR A 261 -25.72 7.97 -3.91
CA THR A 261 -25.05 9.25 -4.15
C THR A 261 -24.00 8.98 -5.22
N GLU A 262 -23.86 9.91 -6.16
CA GLU A 262 -22.95 9.82 -7.28
C GLU A 262 -22.38 11.21 -7.55
N ILE A 263 -21.06 11.28 -7.78
CA ILE A 263 -20.38 12.54 -8.12
C ILE A 263 -20.83 12.98 -9.52
N VAL A 264 -21.28 14.25 -9.64
CA VAL A 264 -21.70 14.84 -10.92
C VAL A 264 -20.42 15.10 -11.74
N MET A 265 -20.32 14.47 -12.92
CA MET A 265 -19.15 14.59 -13.78
C MET A 265 -19.42 15.38 -15.08
N LEU A 266 -20.70 15.66 -15.36
CA LEU A 266 -21.14 16.41 -16.54
C LEU A 266 -22.29 17.29 -16.09
N ASN A 267 -22.17 18.63 -16.28
CA ASN A 267 -23.20 19.60 -15.89
C ASN A 267 -24.58 19.22 -16.48
N PRO A 268 -25.58 18.87 -15.61
CA PRO A 268 -26.91 18.50 -16.13
C PRO A 268 -27.60 19.66 -16.87
N ALA A 269 -27.22 20.91 -16.50
CA ALA A 269 -27.71 22.15 -17.10
C ALA A 269 -27.25 22.30 -18.56
N ASN A 270 -28.01 23.09 -19.33
CA ASN A 270 -27.77 23.34 -20.75
C ASN A 270 -26.94 24.65 -20.99
N THR A 271 -26.28 25.14 -19.94
CA THR A 271 -25.46 26.36 -19.99
C THR A 271 -24.17 26.16 -20.82
N ARG A 272 -23.52 27.27 -21.19
CA ARG A 272 -22.26 27.23 -21.93
C ARG A 272 -21.14 27.60 -21.01
N SER A 273 -20.08 26.77 -20.99
CA SER A 273 -18.91 26.99 -20.13
C SER A 273 -17.85 27.85 -20.83
N ILE A 274 -16.61 27.86 -20.32
CA ILE A 274 -15.51 28.71 -20.84
C ILE A 274 -15.10 28.41 -22.27
N SER A 275 -15.18 27.12 -22.67
CA SER A 275 -14.89 26.68 -24.04
C SER A 275 -16.01 27.14 -24.99
N ASN A 276 -17.18 27.49 -24.41
CA ASN A 276 -18.43 27.91 -25.05
C ASN A 276 -19.19 26.70 -25.60
N MET A 277 -18.84 25.51 -25.11
CA MET A 277 -19.52 24.28 -25.46
C MET A 277 -20.61 24.05 -24.43
N THR A 278 -21.59 23.23 -24.78
CA THR A 278 -22.60 22.80 -23.83
C THR A 278 -22.14 21.41 -23.38
N SER A 279 -22.71 20.87 -22.29
CA SER A 279 -22.37 19.53 -21.80
C SER A 279 -22.63 18.50 -22.91
N GLN A 280 -23.76 18.67 -23.60
CA GLN A 280 -24.25 17.85 -24.71
C GLN A 280 -23.35 17.96 -25.95
N GLU A 281 -22.84 19.19 -26.25
CA GLU A 281 -21.94 19.44 -27.39
C GLU A 281 -20.61 18.74 -27.17
N PHE A 282 -20.05 18.84 -25.94
CA PHE A 282 -18.80 18.17 -25.58
C PHE A 282 -18.85 16.66 -25.86
N VAL A 283 -19.95 16.00 -25.43
CA VAL A 283 -20.22 14.58 -25.61
C VAL A 283 -20.21 14.21 -27.09
N GLU A 284 -20.94 14.98 -27.94
CA GLU A 284 -20.99 14.78 -29.39
C GLU A 284 -19.60 14.90 -30.00
N LYS A 285 -18.84 15.91 -29.57
CA LYS A 285 -17.47 16.18 -30.03
C LYS A 285 -16.52 15.05 -29.70
N LEU A 286 -16.54 14.57 -28.45
CA LEU A 286 -15.69 13.48 -27.98
C LEU A 286 -16.00 12.14 -28.66
N THR A 287 -17.30 11.82 -28.84
CA THR A 287 -17.76 10.59 -29.50
C THR A 287 -17.17 10.47 -30.93
N LYS A 288 -17.03 11.61 -31.64
CA LYS A 288 -16.45 11.68 -33.00
C LYS A 288 -14.97 11.27 -33.06
N ARG A 289 -14.16 11.69 -32.06
CA ARG A 289 -12.72 11.36 -31.99
C ARG A 289 -12.49 9.89 -31.68
N LEU A 290 -13.46 9.25 -31.02
CA LEU A 290 -13.34 7.86 -30.60
C LEU A 290 -13.53 6.81 -31.69
N LYS A 291 -12.62 5.83 -31.69
CA LYS A 291 -12.59 4.69 -32.61
C LYS A 291 -13.74 3.74 -32.32
N ARG A 292 -14.13 3.65 -31.04
CA ARG A 292 -15.20 2.78 -30.57
C ARG A 292 -16.28 3.56 -29.85
N HIS A 293 -17.41 2.89 -29.62
CA HIS A 293 -18.60 3.43 -28.98
C HIS A 293 -18.29 3.85 -27.52
N PRO A 294 -18.93 4.92 -27.00
CA PRO A 294 -18.66 5.38 -25.62
C PRO A 294 -18.71 4.30 -24.54
N GLU A 295 -19.67 3.35 -24.67
CA GLU A 295 -19.90 2.20 -23.79
C GLU A 295 -18.66 1.32 -23.73
N GLU A 296 -17.98 1.15 -24.88
CA GLU A 296 -16.74 0.38 -25.01
C GLU A 296 -15.53 1.19 -24.53
N THR A 297 -15.66 2.52 -24.46
CA THR A 297 -14.55 3.40 -24.09
C THR A 297 -14.43 3.67 -22.59
N GLY A 298 -13.29 3.28 -22.04
CA GLY A 298 -12.96 3.48 -20.63
C GLY A 298 -12.73 4.94 -20.32
N GLY A 299 -13.29 5.38 -19.21
CA GLY A 299 -13.19 6.76 -18.74
C GLY A 299 -14.04 7.76 -19.48
N PHE A 300 -15.09 7.29 -20.22
CA PHE A 300 -15.98 8.17 -20.97
C PHE A 300 -16.71 9.14 -20.04
N GLN A 301 -17.18 8.64 -18.88
CA GLN A 301 -17.87 9.48 -17.91
C GLN A 301 -16.93 10.45 -17.18
N GLU A 302 -15.63 10.10 -17.06
CA GLU A 302 -14.61 10.92 -16.43
C GLU A 302 -13.98 11.91 -17.41
N ALA A 303 -14.16 11.69 -18.74
CA ALA A 303 -13.61 12.56 -19.80
C ALA A 303 -13.85 14.07 -19.58
N PRO A 304 -15.03 14.57 -19.11
CA PRO A 304 -15.15 16.02 -18.86
C PRO A 304 -14.16 16.58 -17.82
N LEU A 305 -13.74 15.75 -16.84
CA LEU A 305 -12.77 16.13 -15.80
C LEU A 305 -11.37 16.32 -16.40
N ALA A 306 -11.01 15.50 -17.41
CA ALA A 306 -9.72 15.58 -18.09
C ALA A 306 -9.69 16.83 -18.96
N TYR A 307 -10.84 17.15 -19.60
CA TYR A 307 -11.02 18.34 -20.43
C TYR A 307 -10.86 19.57 -19.52
N ASP A 308 -11.52 19.56 -18.34
CA ASP A 308 -11.48 20.65 -17.38
C ASP A 308 -10.14 20.83 -16.68
N ALA A 309 -9.34 19.73 -16.59
CA ALA A 309 -8.00 19.76 -16.00
C ALA A 309 -7.08 20.65 -16.84
N ILE A 310 -7.16 20.51 -18.18
CA ILE A 310 -6.38 21.31 -19.13
C ILE A 310 -6.74 22.80 -19.01
N TRP A 311 -8.05 23.11 -18.87
CA TRP A 311 -8.51 24.50 -18.70
C TRP A 311 -8.05 25.09 -17.39
N ALA A 312 -8.09 24.30 -16.28
CA ALA A 312 -7.64 24.71 -14.96
C ALA A 312 -6.17 25.10 -15.02
N LEU A 313 -5.35 24.27 -15.67
CA LEU A 313 -3.93 24.54 -15.84
C LEU A 313 -3.70 25.79 -16.71
N ALA A 314 -4.38 25.85 -17.89
CA ALA A 314 -4.27 26.97 -18.82
C ALA A 314 -4.58 28.32 -18.19
N LEU A 315 -5.67 28.38 -17.41
CA LEU A 315 -6.11 29.59 -16.69
C LEU A 315 -5.14 29.96 -15.59
N ALA A 316 -4.56 28.96 -14.89
CA ALA A 316 -3.58 29.18 -13.83
C ALA A 316 -2.30 29.77 -14.44
N LEU A 317 -1.86 29.22 -15.58
CA LEU A 317 -0.67 29.67 -16.31
C LEU A 317 -0.89 31.08 -16.86
N ASN A 318 -2.14 31.40 -17.25
CA ASN A 318 -2.49 32.73 -17.75
C ASN A 318 -2.42 33.78 -16.63
N LYS A 319 -2.76 33.37 -15.39
CA LYS A 319 -2.69 34.25 -14.22
C LYS A 319 -1.23 34.62 -13.94
N THR A 320 -0.34 33.63 -13.98
CA THR A 320 1.10 33.80 -13.73
C THR A 320 1.78 34.45 -14.94
N SER A 321 1.38 33.99 -16.16
CA SER A 321 1.86 34.37 -17.50
C SER A 321 3.31 34.21 -17.65
N ARG A 330 9.87 34.01 -18.15
CA ARG A 330 8.71 33.46 -17.49
C ARG A 330 8.61 31.90 -17.49
N LEU A 331 7.57 31.33 -18.16
CA LEU A 331 7.27 29.89 -18.21
C LEU A 331 8.41 29.05 -18.78
N GLU A 332 9.08 29.56 -19.84
CA GLU A 332 10.22 28.91 -20.50
C GLU A 332 11.46 28.75 -19.58
N ASP A 333 11.53 29.55 -18.51
CA ASP A 333 12.64 29.51 -17.55
C ASP A 333 12.50 28.48 -16.44
N PHE A 334 11.39 27.71 -16.45
CA PHE A 334 11.12 26.68 -15.45
C PHE A 334 12.24 25.63 -15.42
N ASN A 335 12.72 25.32 -14.21
CA ASN A 335 13.76 24.33 -13.93
C ASN A 335 13.31 23.49 -12.74
N TYR A 336 13.65 22.18 -12.76
CA TYR A 336 13.31 21.23 -11.69
C TYR A 336 13.95 21.54 -10.35
N ASN A 337 15.04 22.33 -10.34
CA ASN A 337 15.73 22.72 -9.11
C ASN A 337 15.21 24.02 -8.50
N ASN A 338 14.15 24.63 -9.10
CA ASN A 338 13.62 25.90 -8.61
C ASN A 338 12.13 25.90 -8.24
N GLN A 339 11.86 26.33 -6.98
CA GLN A 339 10.56 26.46 -6.32
C GLN A 339 9.74 27.68 -6.81
N THR A 340 10.44 28.76 -7.24
CA THR A 340 9.84 30.05 -7.65
C THR A 340 8.58 29.96 -8.51
N ILE A 341 8.70 29.48 -9.76
CA ILE A 341 7.56 29.34 -10.69
C ILE A 341 6.48 28.37 -10.13
N THR A 342 6.91 27.23 -9.53
CA THR A 342 6.03 26.22 -8.94
C THR A 342 5.05 26.84 -7.94
N ASP A 343 5.59 27.62 -6.98
CA ASP A 343 4.83 28.29 -5.93
C ASP A 343 3.81 29.27 -6.50
N GLN A 344 4.15 29.92 -7.63
CA GLN A 344 3.26 30.85 -8.34
C GLN A 344 2.12 30.11 -9.04
N ILE A 345 2.42 28.98 -9.73
CA ILE A 345 1.41 28.15 -10.40
C ILE A 345 0.48 27.58 -9.32
N TYR A 346 1.08 27.13 -8.21
CA TYR A 346 0.38 26.57 -7.06
C TYR A 346 -0.69 27.56 -6.57
N ARG A 347 -0.28 28.82 -6.31
CA ARG A 347 -1.16 29.89 -5.83
C ARG A 347 -2.27 30.16 -6.83
N ALA A 348 -1.95 30.16 -8.14
CA ALA A 348 -2.91 30.34 -9.23
C ALA A 348 -3.88 29.15 -9.33
N MET A 349 -3.39 27.91 -9.14
CA MET A 349 -4.19 26.70 -9.17
C MET A 349 -5.13 26.65 -7.98
N ASN A 350 -4.63 27.04 -6.79
CA ASN A 350 -5.39 27.09 -5.54
C ASN A 350 -6.55 28.10 -5.62
N SER A 351 -6.36 29.16 -6.40
CA SER A 351 -7.36 30.23 -6.59
C SER A 351 -8.31 29.99 -7.78
N SER A 352 -8.25 28.79 -8.41
CA SER A 352 -9.10 28.41 -9.54
C SER A 352 -10.58 28.57 -9.22
N SER A 353 -11.33 29.18 -10.15
CA SER A 353 -12.77 29.39 -10.09
C SER A 353 -13.28 29.70 -11.50
N PHE A 354 -13.81 28.68 -12.19
CA PHE A 354 -14.32 28.80 -13.55
C PHE A 354 -15.36 27.73 -13.83
N GLU A 355 -16.14 27.94 -14.88
CA GLU A 355 -17.16 26.99 -15.32
C GLU A 355 -16.57 26.09 -16.38
N GLY A 356 -16.61 24.78 -16.13
CA GLY A 356 -16.12 23.79 -17.08
C GLY A 356 -17.23 22.92 -17.59
N VAL A 357 -16.91 21.94 -18.46
CA VAL A 357 -17.88 21.00 -19.00
C VAL A 357 -18.50 20.08 -17.92
N SER A 358 -17.75 19.85 -16.81
CA SER A 358 -18.17 19.02 -15.67
C SER A 358 -18.92 19.85 -14.59
N GLY A 359 -18.95 21.16 -14.78
CA GLY A 359 -19.58 22.12 -13.87
C GLY A 359 -18.60 23.14 -13.36
N HIS A 360 -18.91 23.78 -12.23
CA HIS A 360 -18.04 24.78 -11.62
C HIS A 360 -16.80 24.10 -11.00
N VAL A 361 -15.61 24.57 -11.40
CA VAL A 361 -14.34 24.02 -10.95
C VAL A 361 -13.70 24.90 -9.88
N VAL A 362 -13.52 24.32 -8.68
CA VAL A 362 -12.88 24.89 -7.50
C VAL A 362 -12.20 23.78 -6.74
N PHE A 363 -11.07 24.08 -6.09
CA PHE A 363 -10.34 23.11 -5.27
C PHE A 363 -10.39 23.52 -3.80
N ASP A 364 -10.47 22.53 -2.88
CA ASP A 364 -10.42 22.79 -1.44
C ASP A 364 -8.96 23.01 -1.04
N ALA A 365 -8.67 23.14 0.28
CA ALA A 365 -7.32 23.35 0.79
C ALA A 365 -6.36 22.19 0.45
N SER A 366 -6.90 20.97 0.35
CA SER A 366 -6.18 19.74 0.04
C SER A 366 -5.85 19.58 -1.46
N GLY A 367 -6.44 20.42 -2.31
CA GLY A 367 -6.29 20.40 -3.76
C GLY A 367 -7.31 19.52 -4.45
N SER A 368 -8.30 19.04 -3.68
CA SER A 368 -9.36 18.16 -4.17
C SER A 368 -10.55 18.96 -4.71
N ARG A 369 -11.08 18.52 -5.86
CA ARG A 369 -12.22 19.13 -6.53
C ARG A 369 -13.52 19.11 -5.72
N MET A 370 -14.23 20.25 -5.72
CA MET A 370 -15.54 20.41 -5.10
C MET A 370 -16.56 20.36 -6.23
N ALA A 371 -17.58 19.50 -6.09
CA ALA A 371 -18.59 19.30 -7.12
C ALA A 371 -19.96 18.96 -6.55
N TRP A 372 -20.99 18.97 -7.42
CA TRP A 372 -22.35 18.57 -7.07
C TRP A 372 -22.39 17.03 -6.97
N THR A 373 -23.38 16.52 -6.25
CA THR A 373 -23.64 15.09 -6.14
C THR A 373 -25.06 14.83 -6.62
N LEU A 374 -25.27 13.72 -7.32
CA LEU A 374 -26.58 13.31 -7.81
C LEU A 374 -27.15 12.30 -6.83
N ILE A 375 -28.32 12.61 -6.28
CA ILE A 375 -29.02 11.75 -5.32
C ILE A 375 -30.16 11.04 -6.05
N GLU A 376 -30.17 9.71 -5.95
CA GLU A 376 -31.18 8.87 -6.61
C GLU A 376 -31.78 7.86 -5.64
N GLN A 377 -32.96 7.34 -5.99
CA GLN A 377 -33.65 6.31 -5.23
C GLN A 377 -34.12 5.24 -6.21
N LEU A 378 -34.00 3.96 -5.83
CA LEU A 378 -34.47 2.89 -6.69
C LEU A 378 -35.98 2.66 -6.45
N GLN A 379 -36.79 3.04 -7.45
CA GLN A 379 -38.25 2.91 -7.41
C GLN A 379 -38.71 1.99 -8.52
N GLY A 380 -39.14 0.78 -8.13
CA GLY A 380 -39.62 -0.25 -9.05
C GLY A 380 -38.58 -0.79 -10.01
N GLY A 381 -37.41 -1.12 -9.48
CA GLY A 381 -36.29 -1.68 -10.25
C GLY A 381 -35.62 -0.70 -11.19
N SER A 382 -35.83 0.60 -10.96
CA SER A 382 -35.26 1.68 -11.76
C SER A 382 -34.88 2.87 -10.90
N TYR A 383 -33.72 3.50 -11.16
CA TYR A 383 -33.26 4.67 -10.42
C TYR A 383 -34.00 5.90 -10.86
N LYS A 384 -34.48 6.68 -9.89
CA LYS A 384 -35.21 7.91 -10.14
C LYS A 384 -34.48 9.06 -9.45
N LYS A 385 -34.19 10.13 -10.21
CA LYS A 385 -33.48 11.31 -9.71
C LYS A 385 -34.33 12.03 -8.66
N ILE A 386 -33.86 12.03 -7.41
CA ILE A 386 -34.55 12.65 -6.28
C ILE A 386 -33.93 14.00 -5.83
N GLY A 387 -32.80 14.38 -6.45
CA GLY A 387 -32.14 15.65 -6.16
C GLY A 387 -30.64 15.72 -6.36
N TYR A 388 -30.07 16.91 -6.07
CA TYR A 388 -28.65 17.25 -6.16
C TYR A 388 -28.21 18.02 -4.92
N TYR A 389 -26.94 17.85 -4.47
CA TYR A 389 -26.42 18.59 -3.32
C TYR A 389 -25.05 19.23 -3.57
N ASP A 390 -24.93 20.51 -3.21
CA ASP A 390 -23.72 21.33 -3.32
C ASP A 390 -23.16 21.56 -1.92
N SER A 391 -22.11 20.80 -1.57
CA SER A 391 -21.40 20.82 -0.29
C SER A 391 -20.86 22.20 0.12
N THR A 392 -20.34 22.99 -0.86
CA THR A 392 -19.76 24.31 -0.62
C THR A 392 -20.78 25.39 -0.24
N LYS A 393 -21.84 25.55 -1.04
CA LYS A 393 -22.89 26.54 -0.83
C LYS A 393 -24.03 26.05 0.09
N ASP A 394 -23.99 24.77 0.51
CA ASP A 394 -25.00 24.10 1.35
C ASP A 394 -26.42 24.21 0.76
N ASP A 395 -26.55 23.96 -0.56
CA ASP A 395 -27.86 24.01 -1.21
C ASP A 395 -28.30 22.71 -1.85
N LEU A 396 -29.47 22.22 -1.39
CA LEU A 396 -30.08 21.00 -1.85
C LEU A 396 -31.26 21.29 -2.78
N SER A 397 -31.19 20.75 -4.01
CA SER A 397 -32.25 20.87 -4.99
C SER A 397 -33.13 19.65 -4.78
N TRP A 398 -34.38 19.85 -4.33
CA TRP A 398 -35.27 18.71 -4.10
C TRP A 398 -36.30 18.55 -5.20
N SER A 399 -36.35 17.35 -5.79
CA SER A 399 -37.23 17.00 -6.90
C SER A 399 -38.67 16.70 -6.49
N LYS A 400 -38.86 16.18 -5.24
CA LYS A 400 -40.14 15.74 -4.65
C LYS A 400 -40.59 14.45 -5.37
N THR A 401 -39.59 13.63 -5.79
CA THR A 401 -39.74 12.36 -6.52
C THR A 401 -39.56 11.14 -5.59
N ASP A 402 -39.02 11.34 -4.38
CA ASP A 402 -38.78 10.27 -3.41
C ASP A 402 -40.06 9.69 -2.81
N LYS A 403 -40.03 8.38 -2.53
CA LYS A 403 -41.17 7.62 -2.02
C LYS A 403 -40.79 6.65 -0.92
N TRP A 404 -41.72 6.45 0.01
CA TRP A 404 -41.56 5.54 1.13
C TRP A 404 -42.87 4.80 1.33
N ILE A 405 -42.79 3.61 1.93
CA ILE A 405 -43.98 2.80 2.19
C ILE A 405 -44.91 3.48 3.21
N GLY A 406 -44.33 4.03 4.27
CA GLY A 406 -45.10 4.73 5.30
C GLY A 406 -45.75 5.99 4.79
N GLY A 407 -45.29 6.48 3.65
CA GLY A 407 -45.73 7.73 3.03
C GLY A 407 -44.78 8.81 3.48
N SER A 408 -43.85 8.41 4.35
CA SER A 408 -42.81 9.21 4.96
C SER A 408 -41.64 8.29 5.37
N PRO A 409 -40.39 8.80 5.30
CA PRO A 409 -39.23 7.97 5.68
C PRO A 409 -39.38 7.34 7.07
N PRO A 410 -38.84 6.12 7.28
CA PRO A 410 -38.93 5.50 8.59
C PRO A 410 -38.06 6.22 9.63
N ALA A 411 -37.69 5.51 10.68
CA ALA A 411 -36.85 6.09 11.71
C ALA A 411 -35.68 5.16 12.05
N ASP A 412 -34.63 5.74 12.63
CA ASP A 412 -33.40 5.06 13.03
C ASP A 412 -33.56 3.99 14.12
N ASP A 413 -34.65 4.04 14.90
CA ASP A 413 -34.82 3.09 16.01
C ASP A 413 -36.19 2.40 16.11
N TYR A 414 -36.40 1.72 17.25
CA TYR A 414 -37.54 0.89 17.63
C TYR A 414 -38.93 1.42 17.45
N LYS A 415 -39.17 2.66 17.83
CA LYS A 415 -40.46 3.33 17.78
C LYS A 415 -41.33 2.81 16.63
N SER B 12 40.84 -4.05 -15.47
CA SER B 12 39.79 -5.05 -15.61
C SER B 12 38.43 -4.40 -15.88
N PRO B 13 37.60 -4.95 -16.82
CA PRO B 13 36.27 -4.35 -17.03
C PRO B 13 35.40 -4.46 -15.76
N PRO B 14 34.63 -3.41 -15.43
CA PRO B 14 33.81 -3.48 -14.21
C PRO B 14 32.45 -4.13 -14.43
N LEU B 15 31.95 -4.82 -13.42
CA LEU B 15 30.60 -5.36 -13.44
C LEU B 15 29.90 -4.49 -12.43
N SER B 16 29.18 -3.47 -12.93
CA SER B 16 28.53 -2.48 -12.06
C SER B 16 27.27 -2.94 -11.37
N ILE B 17 27.18 -2.63 -10.06
CA ILE B 17 26.04 -2.95 -9.22
C ILE B 17 25.57 -1.69 -8.50
N MET B 18 24.25 -1.45 -8.55
CA MET B 18 23.62 -0.29 -7.96
C MET B 18 23.30 -0.55 -6.47
N GLY B 19 24.10 0.04 -5.58
CA GLY B 19 23.92 -0.03 -4.14
C GLY B 19 22.92 1.00 -3.68
N LEU B 20 21.75 0.55 -3.22
CA LEU B 20 20.68 1.44 -2.76
C LEU B 20 20.40 1.23 -1.29
N MET B 21 20.77 2.20 -0.46
CA MET B 21 20.59 2.10 0.99
C MET B 21 20.66 3.46 1.70
N PRO B 22 20.02 3.62 2.88
CA PRO B 22 20.17 4.87 3.64
C PRO B 22 21.54 4.88 4.31
N LEU B 23 22.31 5.95 4.11
CA LEU B 23 23.68 6.03 4.62
C LEU B 23 23.92 7.22 5.52
N THR B 24 23.11 8.26 5.36
CA THR B 24 23.24 9.48 6.13
C THR B 24 22.90 9.31 7.61
N LYS B 25 23.66 10.00 8.45
CA LYS B 25 23.54 10.03 9.92
C LYS B 25 22.25 10.74 10.32
N GLU B 26 21.75 11.63 9.44
CA GLU B 26 20.50 12.38 9.61
C GLU B 26 19.28 11.44 9.65
N VAL B 27 19.35 10.32 8.90
CA VAL B 27 18.30 9.32 8.83
C VAL B 27 18.64 8.20 9.83
N ALA B 28 17.67 7.84 10.69
CA ALA B 28 17.81 6.80 11.70
C ALA B 28 18.21 5.43 11.12
N LYS B 29 17.63 5.06 9.95
CA LYS B 29 17.93 3.78 9.29
C LYS B 29 19.27 3.75 8.54
N GLY B 30 20.01 4.86 8.59
CA GLY B 30 21.35 5.01 8.04
C GLY B 30 22.35 4.12 8.75
N SER B 31 22.02 3.71 10.00
CA SER B 31 22.80 2.82 10.86
C SER B 31 22.86 1.40 10.26
N ILE B 32 21.78 0.97 9.56
CA ILE B 32 21.74 -0.34 8.90
C ILE B 32 22.72 -0.30 7.71
N GLY B 33 22.59 0.72 6.87
CA GLY B 33 23.41 0.93 5.69
C GLY B 33 24.89 1.03 6.03
N ARG B 34 25.23 1.86 7.03
CA ARG B 34 26.63 2.03 7.48
C ARG B 34 27.17 0.84 8.25
N GLY B 35 26.32 0.22 9.06
CA GLY B 35 26.67 -0.95 9.86
C GLY B 35 27.02 -2.18 9.04
N VAL B 36 26.46 -2.27 7.82
CA VAL B 36 26.72 -3.40 6.91
C VAL B 36 27.87 -3.18 5.93
N LEU B 37 28.27 -1.91 5.70
CA LEU B 37 29.37 -1.57 4.78
C LEU B 37 30.72 -2.25 5.08
N PRO B 38 31.18 -2.41 6.35
CA PRO B 38 32.45 -3.13 6.58
C PRO B 38 32.36 -4.59 6.12
N ALA B 39 31.16 -5.22 6.29
CA ALA B 39 30.89 -6.60 5.85
C ALA B 39 30.93 -6.66 4.31
N VAL B 40 30.30 -5.67 3.65
CA VAL B 40 30.26 -5.54 2.19
C VAL B 40 31.71 -5.40 1.67
N GLU B 41 32.52 -4.52 2.32
CA GLU B 41 33.93 -4.27 1.99
C GLU B 41 34.75 -5.55 2.08
N LEU B 42 34.51 -6.37 3.11
CA LEU B 42 35.20 -7.64 3.34
C LEU B 42 34.94 -8.65 2.24
N ALA B 43 33.68 -8.79 1.80
CA ALA B 43 33.31 -9.72 0.74
C ALA B 43 33.88 -9.26 -0.61
N ILE B 44 33.76 -7.97 -0.93
CA ILE B 44 34.29 -7.34 -2.16
C ILE B 44 35.82 -7.54 -2.26
N GLU B 45 36.55 -7.25 -1.16
CA GLU B 45 38.01 -7.40 -1.04
C GLU B 45 38.48 -8.80 -1.37
N GLN B 46 37.84 -9.83 -0.77
CA GLN B 46 38.18 -11.24 -0.98
C GLN B 46 37.90 -11.70 -2.40
N ILE B 47 36.72 -11.34 -2.94
CA ILE B 47 36.30 -11.70 -4.31
C ILE B 47 37.29 -11.13 -5.34
N ARG B 48 37.79 -9.90 -5.11
CA ARG B 48 38.75 -9.23 -5.96
C ARG B 48 40.14 -9.90 -5.88
N ASN B 49 40.59 -10.25 -4.65
CA ASN B 49 41.87 -10.91 -4.36
C ASN B 49 41.95 -12.28 -5.04
N GLU B 50 40.89 -13.12 -4.86
CA GLU B 50 40.78 -14.46 -5.42
C GLU B 50 40.59 -14.45 -6.93
N SER B 51 40.25 -13.27 -7.51
CA SER B 51 39.98 -13.05 -8.94
C SER B 51 38.90 -14.00 -9.42
N LEU B 52 37.86 -14.16 -8.59
CA LEU B 52 36.70 -15.04 -8.82
C LEU B 52 35.96 -14.63 -10.09
N LEU B 53 35.84 -13.31 -10.30
CA LEU B 53 35.14 -12.74 -11.45
C LEU B 53 36.05 -12.47 -12.65
N ARG B 54 37.33 -12.93 -12.60
CA ARG B 54 38.32 -12.78 -13.68
C ARG B 54 37.69 -13.15 -15.04
N PRO B 55 37.88 -12.35 -16.11
CA PRO B 55 38.73 -11.14 -16.24
C PRO B 55 38.21 -9.89 -15.53
N TYR B 56 36.89 -9.87 -15.25
CA TYR B 56 36.16 -8.76 -14.66
C TYR B 56 36.43 -8.55 -13.15
N PHE B 57 35.86 -7.45 -12.60
CA PHE B 57 35.88 -7.08 -11.18
C PHE B 57 34.54 -6.43 -10.77
N LEU B 58 34.03 -6.76 -9.56
CA LEU B 58 32.77 -6.25 -9.04
C LEU B 58 32.85 -4.76 -8.71
N ASP B 59 32.03 -3.95 -9.41
CA ASP B 59 32.01 -2.49 -9.24
C ASP B 59 30.72 -2.04 -8.50
N LEU B 60 30.78 -1.97 -7.17
CA LEU B 60 29.62 -1.54 -6.40
C LEU B 60 29.61 -0.03 -6.22
N ARG B 61 28.58 0.61 -6.77
CA ARG B 61 28.38 2.06 -6.67
C ARG B 61 27.32 2.29 -5.62
N LEU B 62 27.57 3.20 -4.67
CA LEU B 62 26.64 3.46 -3.57
C LEU B 62 25.84 4.74 -3.78
N TYR B 63 24.51 4.65 -3.58
CA TYR B 63 23.59 5.79 -3.70
C TYR B 63 22.69 5.80 -2.47
N ASP B 64 22.67 6.93 -1.76
CA ASP B 64 21.92 7.16 -0.53
C ASP B 64 20.42 7.36 -0.82
N THR B 65 19.56 6.46 -0.34
CA THR B 65 18.11 6.54 -0.54
C THR B 65 17.42 7.46 0.52
N GLU B 66 18.12 7.69 1.66
CA GLU B 66 17.67 8.51 2.78
C GLU B 66 16.38 8.01 3.46
N CYS B 67 15.97 6.75 3.18
CA CYS B 67 14.76 6.13 3.74
C CYS B 67 13.49 6.99 3.42
N ASP B 68 13.46 7.62 2.24
CA ASP B 68 12.36 8.48 1.81
C ASP B 68 11.89 8.05 0.43
N ASN B 69 10.57 8.00 0.21
CA ASN B 69 10.00 7.61 -1.09
C ASN B 69 10.47 8.50 -2.23
N ALA B 70 10.39 9.85 -2.09
CA ALA B 70 10.76 10.81 -3.13
C ALA B 70 12.28 10.82 -3.35
N LYS B 71 13.04 10.97 -2.26
CA LYS B 71 14.51 10.98 -2.28
C LYS B 71 15.10 9.66 -2.77
N GLY B 72 14.49 8.55 -2.34
CA GLY B 72 14.89 7.21 -2.73
C GLY B 72 14.66 6.95 -4.21
N LEU B 73 13.52 7.45 -4.74
CA LEU B 73 13.20 7.31 -6.17
C LEU B 73 14.15 8.15 -7.01
N LYS B 74 14.41 9.40 -6.58
CA LYS B 74 15.34 10.28 -7.29
C LYS B 74 16.77 9.69 -7.25
N ALA B 75 17.16 9.05 -6.13
CA ALA B 75 18.47 8.42 -5.98
C ALA B 75 18.64 7.28 -7.00
N PHE B 76 17.56 6.51 -7.20
CA PHE B 76 17.49 5.41 -8.17
C PHE B 76 17.54 5.97 -9.60
N TYR B 77 16.71 6.99 -9.89
CA TYR B 77 16.61 7.65 -11.19
C TYR B 77 17.97 8.27 -11.58
N ASP B 78 18.62 8.97 -10.64
CA ASP B 78 19.93 9.58 -10.85
C ASP B 78 21.03 8.55 -11.11
N ALA B 79 20.92 7.37 -10.49
CA ALA B 79 21.86 6.27 -10.67
C ALA B 79 21.76 5.73 -12.11
N ILE B 80 20.53 5.60 -12.65
CA ILE B 80 20.31 5.13 -14.03
C ILE B 80 20.81 6.18 -15.04
N LYS B 81 20.48 7.46 -14.79
CA LYS B 81 20.86 8.56 -15.68
C LYS B 81 22.36 8.87 -15.71
N TYR B 82 22.96 9.13 -14.55
CA TYR B 82 24.37 9.56 -14.45
C TYR B 82 25.37 8.47 -14.09
N GLY B 83 24.89 7.37 -13.53
CA GLY B 83 25.77 6.29 -13.10
C GLY B 83 26.19 5.38 -14.24
N PRO B 84 27.05 4.38 -13.96
CA PRO B 84 27.43 3.45 -15.04
C PRO B 84 26.31 2.46 -15.32
N ASN B 85 26.51 1.58 -16.28
CA ASN B 85 25.48 0.62 -16.56
C ASN B 85 25.51 -0.53 -15.55
N HIS B 86 24.61 -0.44 -14.58
CA HIS B 86 24.44 -1.41 -13.51
C HIS B 86 23.77 -2.68 -14.04
N LEU B 87 24.28 -3.85 -13.63
CA LEU B 87 23.74 -5.15 -14.02
C LEU B 87 22.64 -5.59 -13.07
N MET B 88 22.73 -5.17 -11.80
CA MET B 88 21.73 -5.47 -10.77
C MET B 88 21.72 -4.47 -9.61
N VAL B 89 20.68 -4.54 -8.77
CA VAL B 89 20.47 -3.68 -7.61
C VAL B 89 20.83 -4.46 -6.35
N PHE B 90 21.59 -3.83 -5.46
CA PHE B 90 21.97 -4.41 -4.18
C PHE B 90 21.50 -3.47 -3.09
N GLY B 91 20.58 -3.96 -2.28
CA GLY B 91 20.05 -3.15 -1.20
C GLY B 91 18.54 -3.00 -1.18
N GLY B 92 18.10 -1.90 -0.59
CA GLY B 92 16.70 -1.64 -0.32
C GLY B 92 16.47 -2.10 1.10
N VAL B 93 16.36 -1.14 2.02
CA VAL B 93 16.20 -1.39 3.46
C VAL B 93 14.79 -1.05 3.93
N CYS B 94 14.41 0.22 3.77
CA CYS B 94 13.12 0.75 4.18
C CYS B 94 11.97 0.18 3.32
N PRO B 95 10.88 -0.31 3.98
CA PRO B 95 9.80 -1.01 3.25
C PRO B 95 9.08 -0.28 2.11
N SER B 96 8.67 0.99 2.30
CA SER B 96 7.95 1.72 1.27
C SER B 96 8.84 2.06 0.05
N VAL B 97 10.10 2.46 0.29
CA VAL B 97 11.10 2.81 -0.76
C VAL B 97 11.45 1.56 -1.59
N THR B 98 11.72 0.43 -0.89
CA THR B 98 12.06 -0.85 -1.51
C THR B 98 10.92 -1.35 -2.40
N SER B 99 9.65 -1.22 -1.93
CA SER B 99 8.45 -1.59 -2.68
C SER B 99 8.32 -0.81 -3.98
N ILE B 100 8.60 0.51 -3.95
CA ILE B 100 8.53 1.37 -5.14
C ILE B 100 9.58 0.92 -6.17
N ILE B 101 10.84 0.72 -5.74
CA ILE B 101 11.93 0.29 -6.63
C ILE B 101 11.69 -1.13 -7.14
N ALA B 102 11.36 -2.07 -6.22
CA ALA B 102 11.12 -3.46 -6.54
C ALA B 102 10.00 -3.69 -7.56
N GLU B 103 8.93 -2.88 -7.51
CA GLU B 103 7.80 -3.00 -8.43
C GLU B 103 8.15 -2.59 -9.88
N SER B 104 9.09 -1.65 -10.03
CA SER B 104 9.51 -1.09 -11.32
C SER B 104 10.69 -1.79 -12.00
N LEU B 105 11.37 -2.71 -11.29
CA LEU B 105 12.58 -3.40 -11.74
C LEU B 105 12.61 -3.88 -13.18
N GLN B 106 11.54 -4.56 -13.62
CA GLN B 106 11.37 -5.12 -14.97
C GLN B 106 11.54 -4.06 -16.08
N GLY B 107 11.14 -2.82 -15.81
CA GLY B 107 11.28 -1.67 -16.71
C GLY B 107 12.72 -1.39 -17.11
N TRP B 108 13.69 -1.77 -16.26
CA TRP B 108 15.10 -1.62 -16.54
C TRP B 108 15.84 -2.97 -16.55
N ASN B 109 15.07 -4.09 -16.59
CA ASN B 109 15.56 -5.48 -16.60
C ASN B 109 16.62 -5.75 -15.50
N LEU B 110 16.41 -5.12 -14.33
CA LEU B 110 17.31 -5.18 -13.18
C LEU B 110 16.83 -6.13 -12.09
N VAL B 111 17.64 -7.16 -11.78
CA VAL B 111 17.39 -8.08 -10.67
C VAL B 111 17.86 -7.36 -9.38
N GLN B 112 17.07 -7.44 -8.30
CA GLN B 112 17.45 -6.83 -7.05
C GLN B 112 17.66 -7.86 -5.95
N LEU B 113 18.69 -7.63 -5.14
CA LEU B 113 18.97 -8.45 -3.97
C LEU B 113 19.06 -7.56 -2.73
N SER B 114 18.11 -7.70 -1.83
CA SER B 114 18.05 -6.98 -0.57
C SER B 114 18.65 -7.84 0.55
N PHE B 115 19.19 -7.20 1.59
CA PHE B 115 19.76 -7.91 2.73
C PHE B 115 19.05 -7.52 4.02
N ALA B 116 18.17 -6.50 3.97
CA ALA B 116 17.50 -5.96 5.16
C ALA B 116 15.97 -5.72 5.04
N ALA B 117 15.39 -5.72 3.82
CA ALA B 117 13.95 -5.49 3.69
C ALA B 117 13.19 -6.78 4.03
N THR B 118 12.49 -6.77 5.19
CA THR B 118 11.81 -7.95 5.73
C THR B 118 10.28 -7.97 5.51
N THR B 119 9.71 -6.89 4.93
CA THR B 119 8.27 -6.83 4.69
C THR B 119 7.73 -7.99 3.82
N PRO B 120 6.74 -8.76 4.34
CA PRO B 120 6.21 -9.91 3.60
C PRO B 120 5.61 -9.60 2.22
N VAL B 121 5.11 -8.36 2.04
CA VAL B 121 4.52 -7.82 0.80
C VAL B 121 5.39 -8.17 -0.43
N LEU B 122 6.73 -8.09 -0.26
CA LEU B 122 7.74 -8.34 -1.30
C LEU B 122 7.79 -9.81 -1.81
N ALA B 123 7.13 -10.76 -1.11
CA ALA B 123 7.05 -12.17 -1.52
C ALA B 123 6.10 -12.36 -2.72
N ASP B 124 5.31 -11.34 -3.04
CA ASP B 124 4.37 -11.36 -4.16
C ASP B 124 5.14 -11.22 -5.48
N LYS B 125 5.35 -12.35 -6.17
CA LYS B 125 6.10 -12.39 -7.43
C LYS B 125 5.32 -11.94 -8.65
N LYS B 126 4.02 -11.64 -8.49
CA LYS B 126 3.19 -11.05 -9.55
C LYS B 126 3.53 -9.57 -9.60
N LYS B 127 3.70 -8.95 -8.42
CA LYS B 127 4.03 -7.54 -8.22
C LYS B 127 5.55 -7.30 -8.26
N TYR B 128 6.35 -8.21 -7.64
CA TYR B 128 7.81 -8.05 -7.54
C TYR B 128 8.61 -9.24 -8.12
N PRO B 129 8.49 -9.55 -9.45
CA PRO B 129 9.20 -10.73 -10.00
C PRO B 129 10.74 -10.70 -9.99
N TYR B 130 11.33 -9.51 -10.08
CA TYR B 130 12.79 -9.35 -10.14
C TYR B 130 13.47 -9.14 -8.80
N PHE B 131 12.70 -9.21 -7.71
CA PHE B 131 13.17 -9.00 -6.35
C PHE B 131 13.52 -10.31 -5.65
N PHE B 132 14.69 -10.30 -4.97
CA PHE B 132 15.25 -11.39 -4.15
C PHE B 132 15.76 -10.79 -2.84
N ARG B 133 15.82 -11.61 -1.80
CA ARG B 133 16.37 -11.18 -0.49
C ARG B 133 17.05 -12.33 0.27
N THR B 134 18.22 -12.04 0.88
CA THR B 134 18.99 -13.01 1.68
C THR B 134 18.43 -13.12 3.09
N VAL B 135 17.65 -12.12 3.54
CA VAL B 135 17.08 -12.09 4.88
C VAL B 135 15.68 -12.71 4.91
N PRO B 136 15.36 -13.58 5.91
CA PRO B 136 14.00 -14.11 6.00
C PRO B 136 13.01 -12.97 6.32
N SER B 137 11.80 -13.04 5.76
CA SER B 137 10.78 -12.01 5.98
C SER B 137 10.15 -12.13 7.38
N ASP B 138 9.35 -11.13 7.80
CA ASP B 138 8.64 -11.15 9.08
C ASP B 138 7.72 -12.38 9.25
N ASN B 139 7.22 -12.93 8.13
CA ASN B 139 6.36 -14.12 8.10
C ASN B 139 7.13 -15.43 8.32
N ALA B 140 8.46 -15.46 8.07
CA ALA B 140 9.31 -16.64 8.21
C ALA B 140 9.34 -17.24 9.63
N VAL B 141 8.84 -16.47 10.64
CA VAL B 141 8.74 -16.94 12.03
C VAL B 141 7.56 -17.96 12.17
N ASN B 142 6.56 -17.86 11.29
CA ASN B 142 5.37 -18.72 11.34
C ASN B 142 5.63 -20.22 11.12
N PRO B 143 6.35 -20.70 10.07
CA PRO B 143 6.66 -22.14 9.97
C PRO B 143 7.50 -22.64 11.16
N ALA B 144 8.30 -21.74 11.78
CA ALA B 144 9.11 -22.04 12.96
C ALA B 144 8.21 -22.24 14.19
N ILE B 145 7.22 -21.34 14.41
CA ILE B 145 6.27 -21.40 15.53
C ILE B 145 5.45 -22.71 15.46
N LEU B 146 5.00 -23.10 14.26
CA LEU B 146 4.24 -24.34 14.02
C LEU B 146 5.04 -25.54 14.52
N LYS B 147 6.34 -25.61 14.17
CA LYS B 147 7.27 -26.66 14.61
C LYS B 147 7.40 -26.69 16.14
N LEU B 148 7.44 -25.50 16.78
CA LEU B 148 7.52 -25.39 18.24
C LEU B 148 6.23 -25.91 18.91
N LEU B 149 5.05 -25.55 18.36
CA LEU B 149 3.73 -25.99 18.84
C LEU B 149 3.60 -27.52 18.72
N LYS B 150 4.01 -28.09 17.57
CA LYS B 150 4.02 -29.55 17.33
C LYS B 150 4.93 -30.26 18.33
N HIS B 151 6.14 -29.70 18.56
CA HIS B 151 7.14 -30.24 19.49
C HIS B 151 6.64 -30.34 20.93
N TYR B 152 5.89 -29.32 21.40
CA TYR B 152 5.37 -29.32 22.76
C TYR B 152 3.93 -29.79 22.91
N GLN B 153 3.35 -30.33 21.82
CA GLN B 153 1.98 -30.85 21.73
C GLN B 153 0.91 -29.78 22.07
N TRP B 154 1.16 -28.53 21.60
CA TRP B 154 0.25 -27.41 21.79
C TRP B 154 -0.68 -27.37 20.57
N LYS B 155 -1.93 -27.81 20.77
CA LYS B 155 -2.93 -27.95 19.71
C LYS B 155 -3.97 -26.82 19.72
N ARG B 156 -3.98 -26.00 20.79
CA ARG B 156 -4.91 -24.89 20.94
C ARG B 156 -4.13 -23.62 21.28
N VAL B 157 -4.30 -22.56 20.47
CA VAL B 157 -3.61 -21.28 20.67
C VAL B 157 -4.57 -20.10 20.62
N GLY B 158 -4.14 -19.01 21.22
CA GLY B 158 -4.81 -17.72 21.19
C GLY B 158 -3.86 -16.71 20.57
N THR B 159 -4.38 -15.68 19.90
CA THR B 159 -3.52 -14.66 19.28
C THR B 159 -3.79 -13.25 19.79
N LEU B 160 -2.71 -12.48 19.99
CA LEU B 160 -2.76 -11.10 20.43
C LEU B 160 -1.95 -10.26 19.44
N THR B 161 -2.65 -9.44 18.64
CA THR B 161 -2.05 -8.64 17.57
C THR B 161 -2.35 -7.14 17.68
N GLN B 162 -1.31 -6.33 17.49
CA GLN B 162 -1.42 -4.87 17.46
C GLN B 162 -1.94 -4.49 16.06
N ASP B 163 -3.00 -3.64 16.00
CA ASP B 163 -3.61 -3.20 14.76
C ASP B 163 -2.76 -2.20 13.98
N VAL B 164 -1.63 -2.69 13.46
CA VAL B 164 -0.62 -2.01 12.65
C VAL B 164 -0.26 -3.01 11.55
N GLN B 165 -0.11 -2.54 10.31
CA GLN B 165 0.13 -3.38 9.13
C GLN B 165 1.16 -4.48 9.29
N ARG B 166 2.31 -4.10 9.79
CA ARG B 166 3.47 -4.92 10.05
C ARG B 166 3.11 -6.17 10.90
N PHE B 167 2.23 -6.00 11.90
CA PHE B 167 1.82 -7.10 12.75
C PHE B 167 0.69 -7.91 12.20
N SER B 168 -0.32 -7.24 11.63
CA SER B 168 -1.50 -7.88 11.04
C SER B 168 -1.13 -8.75 9.84
N GLU B 169 -0.02 -8.42 9.14
CA GLU B 169 0.54 -9.19 8.02
C GLU B 169 0.97 -10.56 8.53
N VAL B 170 1.68 -10.58 9.68
CA VAL B 170 2.16 -11.79 10.33
C VAL B 170 1.00 -12.67 10.79
N ARG B 171 0.01 -12.08 11.48
CA ARG B 171 -1.18 -12.77 11.97
C ARG B 171 -1.99 -13.39 10.81
N ASN B 172 -2.13 -12.63 9.69
CA ASN B 172 -2.84 -13.08 8.49
C ASN B 172 -2.15 -14.32 7.87
N ASP B 173 -0.81 -14.34 7.87
CA ASP B 173 0.00 -15.45 7.35
C ASP B 173 -0.13 -16.69 8.21
N LEU B 174 -0.20 -16.50 9.55
CA LEU B 174 -0.34 -17.59 10.54
C LEU B 174 -1.56 -18.50 10.24
N THR B 175 -2.69 -17.89 9.79
CA THR B 175 -3.93 -18.58 9.40
C THR B 175 -3.63 -19.68 8.35
N GLY B 176 -2.93 -19.31 7.30
CA GLY B 176 -2.52 -20.23 6.23
C GLY B 176 -1.53 -21.30 6.65
N VAL B 177 -0.58 -20.95 7.56
CA VAL B 177 0.45 -21.88 8.07
C VAL B 177 -0.19 -22.96 8.99
N LEU B 178 -1.17 -22.57 9.84
CA LEU B 178 -1.84 -23.47 10.77
C LEU B 178 -3.02 -24.23 10.15
N TYR B 179 -3.36 -23.91 8.90
CA TYR B 179 -4.45 -24.58 8.18
C TYR B 179 -4.01 -25.96 7.72
N GLY B 180 -4.89 -26.94 7.90
CA GLY B 180 -4.58 -28.32 7.54
C GLY B 180 -3.60 -28.97 8.48
N GLU B 181 -3.35 -28.30 9.61
CA GLU B 181 -2.48 -28.75 10.70
C GLU B 181 -3.44 -28.93 11.86
N ASP B 182 -3.12 -29.81 12.80
CA ASP B 182 -4.04 -30.06 13.90
C ASP B 182 -3.92 -29.00 15.02
N ILE B 183 -4.03 -27.70 14.63
CA ILE B 183 -3.92 -26.58 15.55
C ILE B 183 -5.10 -25.64 15.41
N GLU B 184 -5.74 -25.34 16.55
CA GLU B 184 -6.91 -24.50 16.65
C GLU B 184 -6.58 -23.11 17.23
N ILE B 185 -7.02 -22.04 16.54
CA ILE B 185 -6.87 -20.68 17.03
C ILE B 185 -8.21 -20.38 17.70
N SER B 186 -8.33 -20.77 18.97
CA SER B 186 -9.56 -20.64 19.77
C SER B 186 -10.00 -19.21 20.02
N ASP B 187 -9.05 -18.25 20.04
CA ASP B 187 -9.34 -16.85 20.29
C ASP B 187 -8.37 -15.91 19.55
N THR B 188 -8.94 -15.02 18.71
CA THR B 188 -8.22 -14.02 17.92
C THR B 188 -8.56 -12.65 18.49
N GLU B 189 -7.57 -11.97 19.08
CA GLU B 189 -7.77 -10.66 19.71
C GLU B 189 -6.82 -9.61 19.16
N SER B 190 -7.36 -8.41 18.87
CA SER B 190 -6.67 -7.25 18.34
C SER B 190 -6.79 -6.06 19.30
N PHE B 191 -5.84 -5.11 19.20
CA PHE B 191 -5.80 -3.87 19.99
C PHE B 191 -5.03 -2.80 19.23
N SER B 192 -5.31 -1.52 19.49
CA SER B 192 -4.61 -0.43 18.82
C SER B 192 -3.67 0.30 19.79
N ASN B 193 -4.21 0.76 20.93
CA ASN B 193 -3.45 1.51 21.93
C ASN B 193 -3.28 0.78 23.26
N ASP B 194 -4.33 0.06 23.72
CA ASP B 194 -4.29 -0.67 25.00
C ASP B 194 -4.66 -2.16 24.85
N PRO B 195 -3.75 -3.08 25.26
CA PRO B 195 -4.03 -4.52 25.11
C PRO B 195 -4.90 -5.14 26.22
N CYS B 196 -5.05 -4.44 27.36
CA CYS B 196 -5.77 -4.88 28.56
C CYS B 196 -7.14 -5.52 28.38
N THR B 197 -7.98 -4.94 27.48
CA THR B 197 -9.31 -5.47 27.17
C THR B 197 -9.17 -6.83 26.46
N SER B 198 -8.29 -6.89 25.45
CA SER B 198 -8.00 -8.10 24.69
C SER B 198 -7.36 -9.20 25.53
N VAL B 199 -6.48 -8.82 26.50
CA VAL B 199 -5.82 -9.75 27.44
C VAL B 199 -6.87 -10.36 28.40
N LYS B 200 -7.88 -9.56 28.83
CA LYS B 200 -8.97 -10.04 29.70
C LYS B 200 -9.84 -11.08 28.94
N LYS B 201 -10.12 -10.82 27.65
CA LYS B 201 -10.90 -11.73 26.80
C LYS B 201 -10.17 -13.07 26.60
N LEU B 202 -8.83 -13.03 26.41
CA LEU B 202 -7.99 -14.22 26.25
C LEU B 202 -8.02 -15.08 27.52
N LYS B 203 -7.95 -14.41 28.69
CA LYS B 203 -8.02 -15.05 30.00
C LYS B 203 -9.40 -15.69 30.19
N GLY B 204 -10.44 -14.94 29.81
CA GLY B 204 -11.84 -15.36 29.88
C GLY B 204 -12.15 -16.58 29.04
N ASN B 205 -11.51 -16.68 27.85
CA ASN B 205 -11.68 -17.82 26.95
C ASN B 205 -10.72 -18.97 27.30
N ASP B 206 -9.98 -18.83 28.41
CA ASP B 206 -9.02 -19.79 28.96
C ASP B 206 -7.86 -20.12 28.02
N VAL B 207 -7.32 -19.10 27.33
CA VAL B 207 -6.17 -19.31 26.44
C VAL B 207 -4.94 -19.56 27.31
N ARG B 208 -4.11 -20.55 26.93
CA ARG B 208 -2.90 -20.90 27.67
C ARG B 208 -1.64 -20.58 26.86
N ILE B 209 -1.69 -20.81 25.54
CA ILE B 209 -0.56 -20.53 24.64
C ILE B 209 -0.92 -19.32 23.78
N ILE B 210 -0.21 -18.20 23.99
CA ILE B 210 -0.49 -16.95 23.27
C ILE B 210 0.56 -16.64 22.22
N LEU B 211 0.13 -16.39 20.98
CA LEU B 211 1.02 -16.00 19.90
C LEU B 211 0.85 -14.48 19.74
N GLY B 212 1.84 -13.74 20.22
CA GLY B 212 1.82 -12.29 20.19
C GLY B 212 2.58 -11.63 19.06
N GLN B 213 1.98 -10.62 18.46
CA GLN B 213 2.58 -9.80 17.41
C GLN B 213 2.27 -8.33 17.69
N PHE B 214 3.23 -7.64 18.30
CA PHE B 214 3.14 -6.23 18.73
C PHE B 214 4.53 -5.65 18.92
N ASP B 215 4.66 -4.32 18.90
CA ASP B 215 5.95 -3.65 19.07
C ASP B 215 6.43 -3.67 20.51
N GLN B 216 7.70 -3.30 20.71
CA GLN B 216 8.42 -3.23 21.99
C GLN B 216 7.67 -2.40 23.05
N ASN B 217 7.13 -1.23 22.65
CA ASN B 217 6.38 -0.32 23.52
C ASN B 217 5.10 -1.00 24.03
N MET B 218 4.37 -1.68 23.13
CA MET B 218 3.15 -2.40 23.47
C MET B 218 3.40 -3.65 24.30
N ALA B 219 4.56 -4.31 24.12
CA ALA B 219 4.95 -5.53 24.85
C ALA B 219 4.97 -5.33 26.36
N ALA B 220 5.51 -4.20 26.85
CA ALA B 220 5.56 -3.86 28.28
C ALA B 220 4.13 -3.68 28.82
N LYS B 221 3.20 -3.14 28.00
CA LYS B 221 1.79 -2.98 28.35
C LYS B 221 1.10 -4.35 28.39
N VAL B 222 1.42 -5.24 27.41
CA VAL B 222 0.88 -6.61 27.32
C VAL B 222 1.23 -7.39 28.61
N PHE B 223 2.52 -7.38 28.99
CA PHE B 223 2.99 -8.07 30.19
C PHE B 223 2.49 -7.46 31.49
N CYS B 224 2.15 -6.16 31.48
CA CYS B 224 1.56 -5.48 32.61
C CYS B 224 0.15 -6.04 32.82
N CYS B 225 -0.67 -6.09 31.74
CA CYS B 225 -2.03 -6.65 31.75
C CYS B 225 -2.00 -8.12 32.14
N ALA B 226 -0.99 -8.88 31.63
CA ALA B 226 -0.77 -10.30 31.91
C ALA B 226 -0.58 -10.56 33.41
N TYR B 227 0.20 -9.70 34.10
CA TYR B 227 0.42 -9.80 35.55
C TYR B 227 -0.89 -9.56 36.32
N GLU B 228 -1.63 -8.51 35.93
CA GLU B 228 -2.91 -8.12 36.55
C GLU B 228 -3.97 -9.19 36.39
N GLU B 229 -3.99 -9.86 35.22
CA GLU B 229 -4.94 -10.92 34.91
C GLU B 229 -4.34 -12.31 35.23
N ASN B 230 -3.18 -12.37 35.91
CA ASN B 230 -2.51 -13.63 36.28
C ASN B 230 -2.24 -14.60 35.09
N MET B 231 -2.18 -14.06 33.85
CA MET B 231 -1.91 -14.82 32.64
C MET B 231 -0.38 -15.05 32.48
N TYR B 232 0.23 -15.63 33.53
CA TYR B 232 1.66 -15.96 33.59
C TYR B 232 1.95 -17.14 34.52
N GLY B 233 3.17 -17.66 34.45
CA GLY B 233 3.64 -18.80 35.25
C GLY B 233 3.53 -20.13 34.55
N SER B 234 3.57 -21.22 35.34
CA SER B 234 3.52 -22.63 34.92
C SER B 234 2.43 -23.01 33.91
N LYS B 235 1.27 -22.33 33.96
CA LYS B 235 0.13 -22.61 33.08
C LYS B 235 0.14 -21.86 31.75
N TYR B 236 1.01 -20.84 31.60
CA TYR B 236 1.04 -20.01 30.39
C TYR B 236 2.33 -19.99 29.61
N GLN B 237 2.20 -19.86 28.27
CA GLN B 237 3.33 -19.72 27.36
C GLN B 237 3.07 -18.62 26.35
N TRP B 238 3.83 -17.52 26.47
CA TRP B 238 3.79 -16.39 25.56
C TRP B 238 4.88 -16.58 24.51
N ILE B 239 4.49 -16.52 23.22
CA ILE B 239 5.39 -16.64 22.09
C ILE B 239 5.24 -15.32 21.35
N ILE B 240 6.27 -14.48 21.46
CA ILE B 240 6.25 -13.08 20.97
C ILE B 240 7.47 -12.73 20.06
N PRO B 241 7.54 -11.50 19.47
CA PRO B 241 8.72 -11.15 18.64
C PRO B 241 10.05 -11.21 19.41
N GLY B 242 11.09 -11.67 18.73
CA GLY B 242 12.44 -11.79 19.30
C GLY B 242 13.41 -10.70 18.87
N TRP B 243 12.92 -9.65 18.19
CA TRP B 243 13.73 -8.55 17.65
C TRP B 243 13.82 -7.26 18.51
N TYR B 244 13.26 -7.25 19.72
CA TYR B 244 13.28 -6.07 20.61
C TYR B 244 14.69 -5.72 21.08
N GLU B 245 14.91 -4.44 21.47
CA GLU B 245 16.18 -3.94 22.00
C GLU B 245 16.46 -4.68 23.33
N PRO B 246 17.72 -5.04 23.67
CA PRO B 246 17.97 -5.66 24.99
C PRO B 246 17.70 -4.62 26.08
N SER B 247 17.14 -5.05 27.25
CA SER B 247 16.72 -4.19 28.37
C SER B 247 15.59 -3.22 27.94
N TRP B 248 14.76 -3.68 26.98
CA TRP B 248 13.62 -2.94 26.41
C TRP B 248 12.54 -2.61 27.42
N TRP B 249 12.40 -3.47 28.45
CA TRP B 249 11.40 -3.37 29.52
C TRP B 249 11.76 -2.29 30.55
N GLU B 250 13.08 -2.02 30.74
CA GLU B 250 13.61 -1.02 31.67
C GLU B 250 13.31 0.41 31.20
N GLN B 251 13.49 0.66 29.88
CA GLN B 251 13.30 1.94 29.16
C GLN B 251 12.09 2.76 29.60
N SER B 259 2.12 1.87 32.93
CA SER B 259 2.42 2.84 33.98
C SER B 259 1.97 2.33 35.35
N ARG B 260 0.85 1.57 35.38
CA ARG B 260 0.28 1.02 36.60
C ARG B 260 1.12 -0.09 37.24
N CYS B 261 1.76 -0.93 36.43
CA CYS B 261 2.55 -2.06 36.93
C CYS B 261 3.91 -1.68 37.46
N LEU B 262 4.44 -2.54 38.34
CA LEU B 262 5.79 -2.39 38.88
C LEU B 262 6.77 -3.15 37.99
N ARG B 263 8.07 -2.81 38.06
CA ARG B 263 9.12 -3.47 37.28
C ARG B 263 9.25 -4.95 37.68
N LYS B 264 9.21 -5.25 39.00
CA LYS B 264 9.29 -6.62 39.52
C LYS B 264 8.10 -7.48 39.07
N ASN B 265 6.93 -6.84 38.90
CA ASN B 265 5.68 -7.45 38.47
C ASN B 265 5.64 -7.68 36.96
N LEU B 266 6.39 -6.85 36.21
CA LEU B 266 6.52 -6.97 34.76
C LEU B 266 7.42 -8.16 34.46
N LEU B 267 8.57 -8.24 35.16
CA LEU B 267 9.56 -9.31 35.05
C LEU B 267 8.97 -10.67 35.42
N ALA B 268 8.02 -10.69 36.38
CA ALA B 268 7.32 -11.90 36.85
C ALA B 268 6.39 -12.43 35.75
N ALA B 269 5.68 -11.53 35.05
CA ALA B 269 4.79 -11.88 33.94
C ALA B 269 5.57 -12.22 32.66
N MET B 270 6.73 -11.56 32.44
CA MET B 270 7.63 -11.76 31.30
C MET B 270 8.35 -13.10 31.40
N GLU B 271 8.62 -13.57 32.63
CA GLU B 271 9.34 -14.81 32.91
C GLU B 271 8.90 -16.03 32.08
N GLY B 272 9.83 -16.51 31.25
CA GLY B 272 9.62 -17.68 30.41
C GLY B 272 9.05 -17.43 29.01
N TYR B 273 8.88 -16.15 28.60
CA TYR B 273 8.37 -15.88 27.25
C TYR B 273 9.32 -16.37 26.18
N ILE B 274 8.78 -16.82 25.05
CA ILE B 274 9.59 -17.30 23.94
C ILE B 274 9.63 -16.21 22.86
N GLY B 275 10.83 -15.79 22.48
CA GLY B 275 11.06 -14.80 21.43
C GLY B 275 11.41 -15.49 20.14
N VAL B 276 10.88 -14.98 19.01
CA VAL B 276 11.12 -15.58 17.69
C VAL B 276 11.58 -14.50 16.72
N ASP B 277 12.72 -14.73 16.04
CA ASP B 277 13.29 -13.79 15.06
C ASP B 277 14.27 -14.59 14.19
N PHE B 278 14.76 -13.99 13.06
CA PHE B 278 15.76 -14.66 12.23
C PHE B 278 17.11 -14.75 12.99
N GLU B 279 17.93 -15.71 12.59
CA GLU B 279 19.25 -15.92 13.17
C GLU B 279 20.26 -15.03 12.44
N PRO B 280 20.91 -14.06 13.12
CA PRO B 280 21.90 -13.19 12.43
C PRO B 280 23.08 -13.91 11.77
N LEU B 281 23.66 -14.95 12.43
CA LEU B 281 24.78 -15.74 11.90
C LEU B 281 24.62 -17.19 12.27
N SER B 282 25.18 -18.10 11.43
CA SER B 282 25.16 -19.53 11.66
C SER B 282 25.97 -19.90 12.91
N SER B 283 25.44 -20.85 13.70
CA SER B 283 26.09 -21.32 14.92
C SER B 283 27.05 -22.48 14.60
N LYS B 284 26.97 -23.06 13.39
CA LYS B 284 27.79 -24.16 12.92
C LYS B 284 29.22 -23.70 12.66
N GLN B 285 30.21 -24.35 13.30
CA GLN B 285 31.64 -24.04 13.14
C GLN B 285 32.21 -24.71 11.87
N ILE B 286 31.47 -24.61 10.75
CA ILE B 286 31.81 -25.17 9.45
C ILE B 286 32.26 -24.03 8.52
N LYS B 287 33.30 -24.31 7.69
CA LYS B 287 33.84 -23.37 6.72
C LYS B 287 32.76 -22.98 5.70
N THR B 288 32.64 -21.69 5.41
CA THR B 288 31.66 -21.18 4.45
C THR B 288 32.35 -21.05 3.08
N ILE B 289 31.64 -20.52 2.06
CA ILE B 289 32.15 -20.32 0.69
C ILE B 289 33.49 -19.54 0.63
N SER B 290 33.71 -18.62 1.57
CA SER B 290 34.92 -17.80 1.67
C SER B 290 36.10 -18.53 2.32
N GLY B 291 35.85 -19.70 2.91
CA GLY B 291 36.88 -20.49 3.58
C GLY B 291 36.96 -20.20 5.07
N LYS B 292 36.11 -19.27 5.55
CA LYS B 292 36.06 -18.90 6.96
C LYS B 292 34.79 -19.47 7.58
N THR B 293 34.84 -19.77 8.89
CA THR B 293 33.68 -20.24 9.64
C THR B 293 32.87 -18.94 10.01
N PRO B 294 31.57 -19.01 10.39
CA PRO B 294 30.85 -17.77 10.74
C PRO B 294 31.50 -16.97 11.87
N GLN B 295 32.17 -17.68 12.80
CA GLN B 295 32.88 -17.15 13.96
C GLN B 295 34.10 -16.33 13.53
N GLN B 296 34.85 -16.83 12.54
CA GLN B 296 36.03 -16.17 11.98
C GLN B 296 35.62 -14.90 11.22
N TYR B 297 34.53 -14.98 10.42
CA TYR B 297 34.01 -13.81 9.70
C TYR B 297 33.56 -12.73 10.70
N GLU B 298 32.86 -13.15 11.78
CA GLU B 298 32.37 -12.22 12.79
C GLU B 298 33.51 -11.41 13.43
N ARG B 299 34.67 -12.08 13.72
CA ARG B 299 35.88 -11.43 14.27
C ARG B 299 36.43 -10.44 13.24
N GLU B 300 36.53 -10.86 11.96
CA GLU B 300 36.98 -10.01 10.85
C GLU B 300 36.09 -8.77 10.70
N TYR B 301 34.75 -8.95 10.82
CA TYR B 301 33.76 -7.87 10.74
C TYR B 301 33.93 -6.88 11.88
N ASN B 302 34.05 -7.38 13.13
CA ASN B 302 34.23 -6.55 14.31
C ASN B 302 35.54 -5.70 14.29
N ASN B 303 36.64 -6.25 13.73
CA ASN B 303 37.91 -5.53 13.58
C ASN B 303 37.75 -4.40 12.56
N LYS B 304 37.15 -4.74 11.39
CA LYS B 304 36.92 -3.84 10.26
C LYS B 304 35.94 -2.71 10.53
N ARG B 305 34.83 -3.00 11.23
CA ARG B 305 33.81 -2.00 11.53
C ARG B 305 34.32 -0.79 12.30
N SER B 306 35.36 -1.00 13.15
CA SER B 306 36.01 0.02 13.97
C SER B 306 34.97 0.74 14.86
N GLY B 307 34.82 2.06 14.69
CA GLY B 307 33.88 2.84 15.46
C GLY B 307 32.42 2.68 15.05
N VAL B 308 32.16 2.28 13.78
CA VAL B 308 30.78 2.06 13.31
C VAL B 308 30.04 0.97 14.09
N GLY B 309 28.88 1.34 14.64
CA GLY B 309 28.02 0.45 15.41
C GLY B 309 27.61 -0.79 14.64
N PRO B 310 27.58 -1.99 15.28
CA PRO B 310 27.22 -3.20 14.52
C PRO B 310 25.74 -3.27 14.12
N SER B 311 25.46 -3.98 13.03
CA SER B 311 24.10 -4.19 12.51
C SER B 311 23.84 -5.69 12.37
N LYS B 312 22.69 -6.18 12.86
CA LYS B 312 22.30 -7.60 12.79
C LYS B 312 22.12 -8.15 11.35
N PHE B 313 22.08 -7.24 10.35
CA PHE B 313 21.96 -7.57 8.92
C PHE B 313 23.31 -7.72 8.23
N HIS B 314 24.44 -7.54 8.98
CA HIS B 314 25.79 -7.62 8.41
C HIS B 314 26.11 -8.92 7.66
N GLY B 315 25.75 -10.05 8.27
CA GLY B 315 25.94 -11.38 7.68
C GLY B 315 25.15 -11.55 6.41
N TYR B 316 23.92 -10.99 6.38
CA TYR B 316 23.00 -11.01 5.25
C TYR B 316 23.53 -10.15 4.10
N ALA B 317 24.22 -9.04 4.41
CA ALA B 317 24.85 -8.16 3.41
C ALA B 317 26.11 -8.85 2.86
N TYR B 318 26.89 -9.53 3.74
CA TYR B 318 28.10 -10.27 3.38
C TYR B 318 27.75 -11.40 2.41
N ASP B 319 26.76 -12.23 2.78
CA ASP B 319 26.28 -13.34 1.95
C ASP B 319 25.67 -12.82 0.64
N GLY B 320 25.06 -11.63 0.72
CA GLY B 320 24.47 -10.94 -0.42
C GLY B 320 25.47 -10.68 -1.53
N ILE B 321 26.68 -10.18 -1.18
CA ILE B 321 27.76 -9.91 -2.14
C ILE B 321 28.21 -11.22 -2.81
N TRP B 322 28.31 -12.31 -2.02
CA TRP B 322 28.65 -13.65 -2.52
C TRP B 322 27.57 -14.18 -3.49
N VAL B 323 26.28 -13.93 -3.19
CA VAL B 323 25.16 -14.30 -4.05
C VAL B 323 25.32 -13.60 -5.42
N ILE B 324 25.63 -12.29 -5.42
CA ILE B 324 25.83 -11.49 -6.63
C ILE B 324 27.01 -12.01 -7.46
N ALA B 325 28.17 -12.25 -6.80
CA ALA B 325 29.40 -12.74 -7.43
C ALA B 325 29.20 -14.11 -8.07
N LYS B 326 28.54 -15.03 -7.34
CA LYS B 326 28.21 -16.39 -7.80
C LYS B 326 27.18 -16.33 -8.94
N THR B 327 26.24 -15.36 -8.86
CA THR B 327 25.21 -15.11 -9.88
C THR B 327 25.90 -14.65 -11.17
N LEU B 328 26.80 -13.64 -11.08
CA LEU B 328 27.53 -13.10 -12.23
C LEU B 328 28.42 -14.15 -12.93
N GLN B 329 28.96 -15.11 -12.16
CA GLN B 329 29.78 -16.24 -12.62
C GLN B 329 28.94 -17.14 -13.52
N ARG B 330 27.75 -17.60 -13.02
CA ARG B 330 26.79 -18.44 -13.73
C ARG B 330 26.33 -17.76 -15.01
N ALA B 331 26.03 -16.45 -14.93
CA ALA B 331 25.58 -15.64 -16.06
C ALA B 331 26.68 -15.58 -17.14
N MET B 332 27.95 -15.39 -16.74
CA MET B 332 29.14 -15.35 -17.61
C MET B 332 29.33 -16.67 -18.35
N GLU B 333 29.07 -17.81 -17.67
CA GLU B 333 29.15 -19.16 -18.21
C GLU B 333 28.06 -19.38 -19.26
N THR B 334 26.82 -18.91 -18.97
CA THR B 334 25.64 -19.00 -19.83
C THR B 334 25.89 -18.24 -21.14
N LEU B 335 26.54 -17.07 -21.05
CA LEU B 335 26.89 -16.28 -22.22
C LEU B 335 27.99 -16.98 -23.03
N HIS B 336 28.96 -17.59 -22.33
CA HIS B 336 30.05 -18.34 -22.95
C HIS B 336 29.58 -19.68 -23.54
N ALA B 337 28.51 -20.29 -22.96
CA ALA B 337 27.89 -21.53 -23.44
C ALA B 337 27.47 -21.34 -24.89
N SER B 338 27.12 -20.08 -25.24
CA SER B 338 26.78 -19.63 -26.59
C SER B 338 28.06 -19.04 -27.20
N ILE B 344 28.92 -9.15 -21.97
CA ILE B 344 28.12 -8.67 -20.83
C ILE B 344 28.19 -7.18 -20.77
N GLN B 345 29.28 -6.63 -21.31
CA GLN B 345 29.59 -5.22 -21.23
C GLN B 345 28.51 -4.33 -21.75
N ASP B 346 27.91 -4.66 -22.91
CA ASP B 346 26.83 -3.80 -23.38
C ASP B 346 25.50 -4.12 -22.74
N PHE B 347 25.44 -4.07 -21.43
CA PHE B 347 24.13 -4.32 -20.88
C PHE B 347 23.52 -2.98 -20.75
N ASN B 348 22.66 -2.52 -21.61
CA ASN B 348 22.02 -1.29 -21.20
C ASN B 348 20.85 -1.93 -20.40
N TYR B 349 19.88 -1.17 -19.98
CA TYR B 349 18.77 -1.77 -19.22
C TYR B 349 17.72 -2.32 -20.14
N THR B 350 18.03 -2.30 -21.42
CA THR B 350 17.19 -2.71 -22.53
C THR B 350 17.32 -4.19 -22.81
N ASP B 351 18.45 -4.83 -22.43
CA ASP B 351 18.62 -6.25 -22.70
C ASP B 351 17.73 -7.10 -21.77
N HIS B 352 16.59 -7.56 -22.31
CA HIS B 352 15.64 -8.42 -21.59
C HIS B 352 16.29 -9.77 -21.29
N THR B 353 16.95 -10.36 -22.31
CA THR B 353 17.59 -11.68 -22.26
C THR B 353 18.61 -11.83 -21.14
N LEU B 354 19.52 -10.84 -20.98
CA LEU B 354 20.53 -10.87 -19.91
C LEU B 354 19.89 -10.79 -18.52
N GLY B 355 18.86 -9.94 -18.39
CA GLY B 355 18.09 -9.81 -17.15
C GLY B 355 17.46 -11.13 -16.76
N ARG B 356 16.97 -11.89 -17.76
CA ARG B 356 16.38 -13.21 -17.58
C ARG B 356 17.47 -14.24 -17.21
N ILE B 357 18.68 -14.10 -17.82
CA ILE B 357 19.86 -14.95 -17.55
C ILE B 357 20.30 -14.75 -16.07
N ILE B 358 20.43 -13.47 -15.64
CA ILE B 358 20.78 -13.09 -14.27
C ILE B 358 19.70 -13.62 -13.29
N LEU B 359 18.42 -13.46 -13.66
CA LEU B 359 17.26 -13.93 -12.88
C LEU B 359 17.29 -15.45 -12.72
N ASN B 360 17.60 -16.19 -13.81
CA ASN B 360 17.69 -17.66 -13.77
C ASN B 360 18.92 -18.11 -12.99
N ALA B 361 20.04 -17.39 -13.14
CA ALA B 361 21.29 -17.68 -12.43
C ALA B 361 21.12 -17.49 -10.91
N MET B 362 20.39 -16.43 -10.48
CA MET B 362 20.13 -16.17 -9.06
C MET B 362 19.21 -17.21 -8.43
N ASN B 363 18.30 -17.78 -9.21
CA ASN B 363 17.38 -18.83 -8.75
C ASN B 363 18.12 -20.14 -8.41
N GLU B 364 19.33 -20.31 -8.96
CA GLU B 364 20.20 -21.48 -8.76
C GLU B 364 21.05 -21.39 -7.49
N THR B 365 21.07 -20.23 -6.81
CA THR B 365 21.89 -20.00 -5.59
C THR B 365 21.75 -21.11 -4.56
N ASN B 366 22.88 -21.74 -4.22
CA ASN B 366 22.96 -22.83 -3.25
C ASN B 366 24.38 -23.02 -2.75
N PHE B 367 24.71 -22.32 -1.65
CA PHE B 367 26.02 -22.38 -1.00
C PHE B 367 25.86 -22.13 0.48
N PHE B 368 26.86 -22.56 1.28
CA PHE B 368 26.86 -22.35 2.71
C PHE B 368 27.56 -21.02 3.01
N GLY B 369 26.80 -20.08 3.55
CA GLY B 369 27.27 -18.74 3.88
C GLY B 369 27.34 -18.54 5.38
N VAL B 370 27.70 -17.32 5.79
CA VAL B 370 27.82 -16.94 7.21
C VAL B 370 26.49 -16.97 7.97
N THR B 371 25.34 -16.87 7.24
CA THR B 371 23.98 -16.90 7.80
C THR B 371 23.38 -18.32 7.66
N GLY B 372 24.23 -19.26 7.27
CA GLY B 372 23.89 -20.65 7.03
C GLY B 372 23.78 -20.91 5.55
N GLN B 373 23.00 -21.92 5.16
CA GLN B 373 22.81 -22.27 3.74
C GLN B 373 22.00 -21.19 3.04
N VAL B 374 22.58 -20.59 1.99
CA VAL B 374 21.91 -19.51 1.21
C VAL B 374 21.21 -20.13 0.00
N VAL B 375 19.87 -20.24 0.09
CA VAL B 375 18.97 -20.82 -0.94
C VAL B 375 17.70 -19.99 -1.00
N PHE B 376 17.15 -19.80 -2.20
CA PHE B 376 15.89 -19.07 -2.40
C PHE B 376 14.76 -20.00 -2.84
N ARG B 377 13.53 -19.69 -2.39
CA ARG B 377 12.30 -20.37 -2.79
C ARG B 377 11.36 -19.24 -3.24
N ASN B 378 11.32 -19.01 -4.57
CA ASN B 378 10.54 -17.94 -5.23
C ASN B 378 10.95 -16.53 -4.71
N GLY B 379 12.25 -16.25 -4.73
CA GLY B 379 12.82 -14.98 -4.30
C GLY B 379 13.00 -14.81 -2.80
N GLU B 380 12.35 -15.69 -2.01
CA GLU B 380 12.35 -15.69 -0.56
C GLU B 380 13.47 -16.53 0.00
N ARG B 381 14.10 -16.06 1.08
CA ARG B 381 15.16 -16.81 1.73
C ARG B 381 14.65 -17.96 2.59
N MET B 382 15.22 -19.14 2.39
CA MET B 382 15.01 -20.31 3.24
C MET B 382 16.20 -20.23 4.19
N GLY B 383 15.96 -19.73 5.40
CA GLY B 383 17.03 -19.49 6.36
C GLY B 383 16.85 -20.14 7.71
N THR B 384 17.39 -19.48 8.74
CA THR B 384 17.36 -19.95 10.11
C THR B 384 16.61 -18.97 11.02
N ILE B 385 15.74 -19.52 11.85
CA ILE B 385 14.96 -18.77 12.81
C ILE B 385 15.45 -19.11 14.22
N LYS B 386 15.75 -18.06 15.00
CA LYS B 386 16.24 -18.15 16.38
C LYS B 386 15.07 -18.15 17.39
N PHE B 387 15.14 -19.05 18.36
CA PHE B 387 14.20 -19.12 19.47
C PHE B 387 14.92 -18.71 20.71
N THR B 388 14.36 -17.75 21.44
CA THR B 388 14.94 -17.27 22.69
C THR B 388 13.93 -17.45 23.82
N GLN B 389 14.39 -17.38 25.05
CA GLN B 389 13.53 -17.42 26.22
C GLN B 389 14.03 -16.40 27.24
N PHE B 390 13.10 -15.59 27.77
CA PHE B 390 13.43 -14.62 28.79
C PHE B 390 13.65 -15.37 30.10
N GLN B 391 14.89 -15.32 30.62
CA GLN B 391 15.25 -16.00 31.86
C GLN B 391 15.89 -15.04 32.85
N ASP B 392 15.11 -14.67 33.88
CA ASP B 392 15.45 -13.76 34.97
C ASP B 392 15.75 -12.31 34.58
N SER B 393 16.81 -12.10 33.78
CA SER B 393 17.24 -10.76 33.41
C SER B 393 17.39 -10.50 31.92
N ARG B 394 17.37 -11.57 31.08
CA ARG B 394 17.54 -11.41 29.63
C ARG B 394 17.07 -12.59 28.79
N GLU B 395 17.02 -12.38 27.46
CA GLU B 395 16.68 -13.39 26.47
C GLU B 395 17.88 -14.28 26.27
N VAL B 396 17.67 -15.60 26.35
CA VAL B 396 18.69 -16.63 26.17
C VAL B 396 18.24 -17.55 25.03
N LYS B 397 19.18 -17.89 24.12
CA LYS B 397 18.90 -18.79 23.00
C LYS B 397 18.51 -20.18 23.50
N VAL B 398 17.36 -20.70 23.01
CA VAL B 398 16.81 -22.01 23.40
C VAL B 398 16.64 -22.97 22.21
N GLY B 399 16.85 -22.45 21.00
CA GLY B 399 16.74 -23.28 19.82
C GLY B 399 16.80 -22.55 18.50
N GLU B 400 16.77 -23.33 17.42
CA GLU B 400 16.78 -22.84 16.06
C GLU B 400 15.97 -23.72 15.11
N TYR B 401 15.31 -23.06 14.17
CA TYR B 401 14.51 -23.72 13.14
C TYR B 401 15.21 -23.56 11.78
N ASN B 402 15.39 -24.68 11.07
CA ASN B 402 16.00 -24.75 9.75
C ASN B 402 14.84 -24.79 8.75
N ALA B 403 14.69 -23.72 7.93
CA ALA B 403 13.60 -23.62 6.96
C ALA B 403 13.72 -24.59 5.78
N VAL B 404 14.96 -24.88 5.31
CA VAL B 404 15.26 -25.80 4.21
C VAL B 404 14.74 -27.21 4.52
N ALA B 405 15.21 -27.78 5.63
CA ALA B 405 14.85 -29.12 6.10
C ALA B 405 13.53 -29.15 6.87
N ASP B 406 13.01 -27.94 7.26
CA ASP B 406 11.79 -27.76 8.07
C ASP B 406 11.96 -28.52 9.38
N THR B 407 13.11 -28.35 10.05
CA THR B 407 13.40 -29.04 11.30
C THR B 407 13.64 -28.08 12.46
N LEU B 408 13.32 -28.54 13.66
CA LEU B 408 13.50 -27.80 14.89
C LEU B 408 14.51 -28.50 15.79
N GLU B 409 15.44 -27.73 16.32
CA GLU B 409 16.45 -28.21 17.27
C GLU B 409 16.34 -27.36 18.53
N ILE B 410 15.93 -27.99 19.62
CA ILE B 410 15.81 -27.33 20.91
C ILE B 410 17.03 -27.66 21.75
N ILE B 411 17.75 -26.61 22.20
CA ILE B 411 18.95 -26.76 23.01
C ILE B 411 18.60 -27.37 24.38
N ASN B 412 19.20 -28.54 24.67
CA ASN B 412 19.00 -29.28 25.93
C ASN B 412 19.60 -28.49 27.08
N ASP B 413 18.89 -28.47 28.23
CA ASP B 413 19.28 -27.79 29.48
C ASP B 413 19.37 -26.25 29.37
N THR B 414 18.48 -25.64 28.55
CA THR B 414 18.39 -24.18 28.42
C THR B 414 16.95 -23.77 28.64
N ILE B 415 16.01 -24.24 27.78
CA ILE B 415 14.58 -23.96 27.88
C ILE B 415 14.02 -24.53 29.17
N ARG B 416 13.20 -23.74 29.87
CA ARG B 416 12.63 -24.15 31.14
C ARG B 416 11.18 -23.72 31.33
N PHE B 417 10.48 -24.48 32.17
CA PHE B 417 9.10 -24.24 32.52
C PHE B 417 8.99 -24.20 34.02
N GLN B 418 8.13 -23.33 34.55
CA GLN B 418 7.90 -23.17 35.99
C GLN B 418 7.29 -24.42 36.65
N GLY B 419 6.52 -25.19 35.88
CA GLY B 419 5.94 -26.44 36.32
C GLY B 419 6.81 -27.65 36.01
N SER B 420 6.40 -28.84 36.50
CA SER B 420 7.08 -30.12 36.31
C SER B 420 7.06 -30.54 34.83
N GLU B 421 6.10 -29.98 34.09
CA GLU B 421 5.86 -30.23 32.69
C GLU B 421 5.65 -28.90 31.97
N PRO B 422 5.86 -28.83 30.63
CA PRO B 422 5.50 -27.62 29.90
C PRO B 422 3.98 -27.41 30.02
N PRO B 423 3.45 -26.18 29.93
CA PRO B 423 1.99 -25.99 30.09
C PRO B 423 1.13 -26.78 29.11
N LYS B 424 -0.11 -27.06 29.51
CA LYS B 424 -1.12 -27.72 28.67
C LYS B 424 -1.90 -26.61 27.97
N ASP B 425 -2.42 -26.89 26.77
CA ASP B 425 -3.14 -25.88 25.97
C ASP B 425 -4.58 -25.53 26.40
N ASP B 426 -5.13 -26.20 27.43
CA ASP B 426 -6.50 -25.95 27.92
C ASP B 426 -6.66 -26.16 29.43
C1 NAG C . -20.98 30.41 -28.16
C2 NAG C . -20.56 31.59 -29.05
C3 NAG C . -21.86 32.18 -29.59
C4 NAG C . -22.48 31.16 -30.54
C5 NAG C . -22.65 29.73 -29.90
C6 NAG C . -22.18 28.60 -30.82
C7 NAG C . -18.45 32.90 -28.54
C8 NAG C . -17.81 32.32 -29.77
N2 NAG C . -19.73 32.53 -28.26
O3 NAG C . -21.57 33.41 -30.27
O4 NAG C . -23.73 31.72 -30.90
O5 NAG C . -21.97 29.49 -28.65
O6 NAG C . -22.93 28.54 -32.03
O7 NAG C . -17.86 33.68 -27.80
C1 NAG C . -23.79 32.09 -32.30
C2 NAG C . -25.27 32.29 -32.68
C3 NAG C . -25.38 32.61 -34.16
C4 NAG C . -24.65 33.90 -34.41
C5 NAG C . -23.19 33.70 -33.97
C6 NAG C . -22.49 35.04 -34.08
C7 NAG C . -26.71 30.96 -31.29
C8 NAG C . -27.39 29.63 -31.21
N2 NAG C . -25.99 31.09 -32.43
O3 NAG C . -26.75 32.81 -34.52
O4 NAG C . -24.68 34.15 -35.79
O5 NAG C . -23.11 33.33 -32.57
O6 NAG C . -23.34 36.01 -33.46
O7 NAG C . -26.80 31.83 -30.42
C1 BMA C . -25.15 35.45 -36.08
C2 BMA C . -24.22 35.97 -37.21
C3 BMA C . -24.70 37.30 -37.77
C4 BMA C . -26.23 37.35 -38.02
C5 BMA C . -27.00 36.64 -36.90
C6 BMA C . -28.39 36.47 -37.32
O2 BMA C . -24.25 35.03 -38.32
O3 BMA C . -24.07 37.33 -39.05
O4 BMA C . -26.60 38.72 -38.04
O5 BMA C . -26.46 35.34 -36.59
O6 BMA C . -28.83 36.01 -36.07
C1 BMA C . -23.06 38.31 -39.07
C2 BMA C . -21.54 37.97 -38.97
C3 BMA C . -20.83 38.09 -40.34
C4 BMA C . -21.81 38.61 -41.43
C5 BMA C . -22.55 39.83 -40.89
C6 BMA C . -23.46 40.38 -42.00
O2 BMA C . -21.28 36.73 -38.29
O3 BMA C . -20.36 36.80 -40.76
O4 BMA C . -21.09 38.99 -42.60
O5 BMA C . -23.38 39.50 -39.76
O6 BMA C . -22.66 41.25 -42.82
C1 FUC C . -23.02 27.26 -32.70
C2 FUC C . -22.63 27.36 -34.21
C3 FUC C . -21.22 26.80 -34.52
C4 FUC C . -20.99 25.43 -33.84
C5 FUC C . -21.20 25.58 -32.31
C6 FUC C . -21.02 24.25 -31.58
O2 FUC C . -22.73 28.71 -34.73
O3 FUC C . -21.05 26.70 -35.95
O4 FUC C . -21.92 24.49 -34.42
O5 FUC C . -22.52 26.07 -32.00
C1 NAG D . 14.11 -22.10 -10.02
C2 NAG D . 13.86 -22.86 -11.35
C3 NAG D . 12.98 -24.07 -11.05
C4 NAG D . 13.65 -24.90 -9.96
C5 NAG D . 13.93 -24.08 -8.69
C6 NAG D . 14.62 -24.94 -7.60
C7 NAG D . 13.74 -21.49 -13.43
C8 NAG D . 15.19 -21.73 -13.65
N2 NAG D . 13.17 -22.05 -12.34
O3 NAG D . 12.83 -24.85 -12.26
O4 NAG D . 12.74 -25.95 -9.70
O5 NAG D . 14.78 -22.97 -9.07
O6 NAG D . 15.90 -25.34 -8.11
O7 NAG D . 13.11 -20.81 -14.22
C1 NAG D . 13.42 -27.19 -9.87
C2 NAG D . 12.51 -28.18 -9.13
C3 NAG D . 13.03 -29.61 -9.28
C4 NAG D . 13.31 -29.96 -10.76
C5 NAG D . 14.12 -28.85 -11.47
C6 NAG D . 14.09 -29.08 -12.99
C7 NAG D . 11.13 -27.42 -7.27
C8 NAG D . 11.12 -27.00 -5.84
N2 NAG D . 12.36 -27.76 -7.74
O3 NAG D . 12.00 -30.48 -8.76
O4 NAG D . 14.06 -31.19 -10.74
O5 NAG D . 13.56 -27.53 -11.26
O6 NAG D . 15.37 -28.84 -13.58
O7 NAG D . 10.10 -27.45 -7.97
C1 FUC D . 16.56 -26.36 -7.35
C2 FUC D . 17.70 -27.01 -8.18
C3 FUC D . 18.92 -26.08 -8.34
C4 FUC D . 19.36 -25.44 -6.99
C5 FUC D . 18.13 -24.86 -6.24
C6 FUC D . 18.46 -24.42 -4.83
O2 FUC D . 17.25 -27.48 -9.48
O3 FUC D . 20.01 -26.83 -8.95
O4 FUC D . 20.04 -26.44 -6.21
O5 FUC D . 17.05 -25.83 -6.11
C1 NAG E . -5.85 35.73 -19.54
C2 NAG E . -7.36 35.85 -19.33
C3 NAG E . -7.85 37.24 -19.80
C4 NAG E . -7.06 38.37 -19.14
C5 NAG E . -5.55 38.13 -19.40
C6 NAG E . -4.71 39.24 -18.75
C7 NAG E . -9.07 34.16 -19.56
C8 NAG E . -9.67 33.18 -20.51
N2 NAG E . -8.04 34.85 -20.11
O3 NAG E . -9.25 37.38 -19.49
O4 NAG E . -7.50 39.60 -19.74
O5 NAG E . -5.14 36.82 -18.91
O6 NAG E . -3.92 38.77 -17.65
O7 NAG E . -9.47 34.31 -18.40
O3 2BW F . -7.79 5.16 -9.56
P 2BW F . -9.21 5.40 -9.27
O4 2BW F . -9.38 6.54 -8.15
C6 2BW F . -10.05 5.85 -10.79
C7 2BW F . -11.49 6.23 -10.48
C8 2BW F . -12.11 6.88 -11.70
N 2BW F . -13.40 7.45 -11.34
C3 2BW F . -10.06 3.88 -8.72
O2 2BW F . -9.41 2.73 -9.24
C4 2BW F . -10.28 1.62 -9.46
C5 2BW F . -9.44 0.55 -10.12
O1 2BW F . -10.19 3.80 -7.29
C2 2BW F . -8.96 3.60 -6.59
C1 2BW F . -9.12 4.05 -5.16
#